data_1S7V
#
_entry.id   1S7V
#
_cell.length_a   160.469
_cell.length_b   91.184
_cell.length_c   92.147
_cell.angle_alpha   90.00
_cell.angle_beta   125.00
_cell.angle_gamma   90.00
#
_symmetry.space_group_name_H-M   'C 1 2 1'
#
loop_
_entity.id
_entity.type
_entity.pdbx_description
1 polymer 'H-2 class I histocompatibility antigen, D-B alpha chain'
2 polymer Beta-2-microglobulin
3 polymer 'Glycoprotein 9-residue peptide'
4 water water
#
loop_
_entity_poly.entity_id
_entity_poly.type
_entity_poly.pdbx_seq_one_letter_code
_entity_poly.pdbx_strand_id
1 'polypeptide(L)'
;GPHSMRYFETAVSRPGLEEPRYISVGYVDNKEFVRFDSDAENPRYEPRAPWMEQEGPEYWERETQKAKGQEQWFRVSLRN
LLGYYNQSAGGSHTLQQMSGCDLGSDWRLLRGYLQFAYEGRDYIALNEDLKTWTAADMAAQITRRKWEQSGAAEHYKAYL
EGECVEWLHRYLKNGNATLLRTDSPKAHVTHHPRSKGEVTLRCWALGFYPADITLTWQLNGEELTQDMELVETRPAGDGT
FQKWASVVVPLGKEQNYTCRVYHEGLPEPLTLRWEPPPSTDSYMVIVAVLGVLGAMAIIGAVVAFVMKRRRNTGGKGGDY
ALAPGSQSSEMSLRDCKA
;
A,D
2 'polypeptide(L)'
;IQKTPQIQVYSRHPPENGKPNILNCYVTQFHPPHIEIQMLKNGKKIPKVEMSDMSFSKDWSFYILAHTEFTPTETDTYAC
RVKHDSMAEPKTVYWDRDM
;
B,E
3 'polypeptide(L)' KAVYNLATM C,F
#
# COMPACT_ATOMS: atom_id res chain seq x y z
N GLY A 1 50.57 7.00 -7.94
CA GLY A 1 49.46 6.92 -8.92
C GLY A 1 48.66 8.21 -8.96
N PRO A 2 47.44 8.13 -9.47
CA PRO A 2 46.55 9.29 -9.55
C PRO A 2 46.00 9.66 -8.19
N HIS A 3 45.47 10.88 -8.09
CA HIS A 3 44.91 11.38 -6.85
C HIS A 3 43.73 12.32 -7.10
N SER A 4 43.00 12.62 -6.04
CA SER A 4 41.82 13.45 -6.16
C SER A 4 41.52 14.21 -4.88
N MET A 5 40.96 15.42 -5.04
CA MET A 5 40.38 16.17 -3.95
C MET A 5 38.90 16.40 -4.26
N ARG A 6 38.02 16.05 -3.30
CA ARG A 6 36.57 16.30 -3.35
C ARG A 6 36.01 17.03 -2.11
N TYR A 7 35.24 18.08 -2.32
CA TYR A 7 34.40 18.62 -1.24
C TYR A 7 32.96 18.22 -1.52
N PHE A 8 32.32 17.64 -0.53
CA PHE A 8 30.92 17.19 -0.63
C PHE A 8 30.11 18.08 0.31
N GLU A 9 29.20 18.87 -0.23
CA GLU A 9 28.41 19.78 0.57
C GLU A 9 26.91 19.50 0.49
N THR A 10 26.25 19.54 1.64
CA THR A 10 24.83 19.23 1.78
C THR A 10 24.17 20.32 2.60
N ALA A 11 23.08 20.91 2.08
CA ALA A 11 22.18 21.73 2.89
C ALA A 11 20.78 21.11 2.88
N VAL A 12 20.21 20.92 4.06
CA VAL A 12 18.92 20.24 4.23
C VAL A 12 17.96 21.14 4.95
N SER A 13 16.80 21.41 4.33
CA SER A 13 15.63 22.04 4.97
C SER A 13 14.93 21.03 5.83
N ARG A 14 14.29 21.51 6.90
CA ARG A 14 13.33 20.74 7.67
C ARG A 14 12.18 21.64 8.19
N PRO A 15 10.94 21.16 8.09
CA PRO A 15 9.80 21.91 8.63
C PRO A 15 10.07 22.38 10.05
N GLY A 16 9.97 23.69 10.32
CA GLY A 16 10.13 24.20 11.68
C GLY A 16 11.08 25.36 11.94
N LEU A 17 12.35 25.19 11.61
CA LEU A 17 13.41 26.13 12.04
C LEU A 17 13.88 27.07 10.93
N GLU A 18 14.18 28.30 11.34
CA GLU A 18 14.62 29.36 10.44
C GLU A 18 15.63 28.91 9.41
N GLU A 19 16.76 28.35 9.84
CA GLU A 19 17.88 28.07 8.94
C GLU A 19 18.21 26.56 8.80
N PRO A 20 18.43 26.08 7.58
CA PRO A 20 18.77 24.68 7.33
C PRO A 20 20.20 24.28 7.72
N ARG A 21 20.41 22.99 7.86
CA ARG A 21 21.66 22.44 8.32
C ARG A 21 22.57 22.35 7.12
N TYR A 22 23.77 22.90 7.22
CA TYR A 22 24.77 22.85 6.15
C TYR A 22 25.97 22.05 6.63
N ILE A 23 26.39 21.07 5.83
CA ILE A 23 27.57 20.26 6.10
C ILE A 23 28.49 20.19 4.88
N SER A 24 29.79 20.29 5.12
CA SER A 24 30.81 20.11 4.09
C SER A 24 31.86 19.14 4.57
N VAL A 25 32.16 18.14 3.75
CA VAL A 25 33.26 17.22 4.04
C VAL A 25 34.28 17.22 2.91
N GLY A 26 35.55 17.28 3.24
CA GLY A 26 36.60 17.26 2.24
C GLY A 26 37.29 15.91 2.26
N TYR A 27 37.53 15.36 1.06
CA TYR A 27 38.33 14.15 0.90
C TYR A 27 39.57 14.38 0.02
N VAL A 28 40.73 13.97 0.51
CA VAL A 28 41.85 13.71 -0.37
C VAL A 28 41.90 12.22 -0.56
N ASP A 29 41.68 11.79 -1.80
CA ASP A 29 41.75 10.38 -2.20
C ASP A 29 40.78 9.62 -1.41
N ASN A 30 39.59 10.16 -1.24
CA ASN A 30 38.58 9.36 -0.61
C ASN A 30 39.01 8.95 0.84
N LYS A 31 39.76 9.85 1.47
CA LYS A 31 40.13 9.77 2.88
C LYS A 31 39.81 11.16 3.45
N GLU A 32 38.95 11.18 4.46
CA GLU A 32 38.39 12.40 5.03
C GLU A 32 39.50 13.27 5.64
N PHE A 33 39.55 14.57 5.28
CA PHE A 33 40.59 15.46 5.84
C PHE A 33 40.13 16.77 6.47
N VAL A 34 38.93 17.25 6.16
CA VAL A 34 38.33 18.42 6.78
C VAL A 34 36.82 18.30 6.86
N ARG A 35 36.20 19.03 7.77
CA ARG A 35 34.75 18.95 7.97
C ARG A 35 34.22 20.26 8.54
N PHE A 36 33.06 20.69 8.06
CA PHE A 36 32.34 21.82 8.64
C PHE A 36 30.87 21.43 8.83
N ASP A 37 30.32 21.73 10.00
CA ASP A 37 28.94 21.38 10.38
C ASP A 37 28.27 22.55 11.12
N SER A 38 27.24 23.12 10.50
CA SER A 38 26.63 24.34 10.99
C SER A 38 25.87 24.13 12.30
N ASP A 39 25.61 22.87 12.64
CA ASP A 39 24.99 22.52 13.91
C ASP A 39 25.91 22.61 15.12
N ALA A 40 27.18 22.22 14.95
CA ALA A 40 28.18 22.32 16.01
C ALA A 40 28.11 23.67 16.75
N GLU A 41 28.42 23.66 18.04
CA GLU A 41 28.39 24.87 18.88
C GLU A 41 29.31 26.01 18.41
N ASN A 42 30.43 25.64 17.79
CA ASN A 42 31.42 26.60 17.28
C ASN A 42 31.77 26.24 15.84
N PRO A 43 30.86 26.52 14.90
CA PRO A 43 31.01 26.07 13.52
C PRO A 43 32.30 26.54 12.85
N ARG A 44 33.11 25.58 12.39
CA ARG A 44 34.38 25.86 11.75
C ARG A 44 34.86 24.62 10.98
N TYR A 45 35.63 24.84 9.92
CA TYR A 45 36.36 23.74 9.32
C TYR A 45 37.35 23.18 10.36
N GLU A 46 37.33 21.85 10.55
CA GLU A 46 38.22 21.17 11.48
C GLU A 46 39.01 20.07 10.77
N PRO A 47 40.24 19.83 11.21
CA PRO A 47 41.06 18.76 10.64
C PRO A 47 40.49 17.37 10.96
N ARG A 48 40.41 16.50 9.96
CA ARG A 48 39.92 15.13 10.13
C ARG A 48 41.00 14.11 9.81
N ALA A 49 42.25 14.59 9.75
CA ALA A 49 43.41 13.74 9.58
C ALA A 49 44.62 14.43 10.22
N PRO A 50 45.44 13.67 10.95
CA PRO A 50 46.61 14.24 11.62
C PRO A 50 47.52 15.14 10.76
N TRP A 51 47.71 14.81 9.49
CA TRP A 51 48.64 15.60 8.68
C TRP A 51 48.11 17.00 8.39
N MET A 52 46.79 17.14 8.31
CA MET A 52 46.18 18.45 8.16
C MET A 52 46.33 19.31 9.42
N GLU A 53 46.64 18.70 10.56
CA GLU A 53 46.75 19.42 11.82
C GLU A 53 47.77 20.57 11.81
N GLN A 54 48.72 20.53 10.88
CA GLN A 54 49.81 21.51 10.83
C GLN A 54 49.53 22.73 9.95
N GLU A 55 48.31 22.87 9.46
CA GLU A 55 47.87 24.14 8.91
C GLU A 55 47.60 25.11 10.08
N GLY A 56 47.92 26.39 9.86
CA GLY A 56 47.86 27.40 10.89
C GLY A 56 46.49 28.04 10.97
N PRO A 57 46.27 28.82 12.01
CA PRO A 57 44.98 29.52 12.24
C PRO A 57 44.47 30.32 11.05
N GLU A 58 45.35 30.94 10.26
CA GLU A 58 44.90 31.69 9.09
C GLU A 58 44.25 30.77 8.08
N TYR A 59 44.88 29.64 7.80
CA TYR A 59 44.25 28.61 6.98
C TYR A 59 42.83 28.31 7.46
N TRP A 60 42.67 27.98 8.74
CA TRP A 60 41.34 27.59 9.26
C TRP A 60 40.31 28.71 9.20
N GLU A 61 40.72 29.96 9.35
CA GLU A 61 39.76 31.05 9.39
C GLU A 61 39.29 31.36 7.97
N ARG A 62 40.20 31.25 6.99
CA ARG A 62 39.86 31.55 5.61
C ARG A 62 38.93 30.49 5.01
N GLU A 63 39.21 29.23 5.29
CA GLU A 63 38.32 28.17 4.87
C GLU A 63 36.99 28.22 5.59
N THR A 64 37.00 28.58 6.87
CA THR A 64 35.76 28.72 7.60
C THR A 64 34.90 29.77 6.92
N GLN A 65 35.52 30.85 6.43
CA GLN A 65 34.77 31.99 5.85
C GLN A 65 34.08 31.50 4.59
N LYS A 66 34.77 30.65 3.87
CA LYS A 66 34.18 30.04 2.71
C LYS A 66 32.96 29.22 3.05
N ALA A 67 33.05 28.39 4.10
CA ALA A 67 31.90 27.63 4.60
C ALA A 67 30.75 28.53 5.03
N LYS A 68 31.05 29.62 5.71
CA LYS A 68 29.98 30.54 6.19
C LYS A 68 29.28 31.17 5.01
N GLY A 69 30.05 31.51 3.97
CA GLY A 69 29.46 32.09 2.78
C GLY A 69 28.66 31.04 2.03
N GLN A 70 29.20 29.83 1.92
CA GLN A 70 28.47 28.72 1.35
C GLN A 70 27.16 28.49 2.07
N GLU A 71 27.16 28.55 3.40
CA GLU A 71 25.92 28.44 4.15
C GLU A 71 24.89 29.46 3.68
N GLN A 72 25.31 30.72 3.53
CA GLN A 72 24.41 31.76 3.08
C GLN A 72 23.92 31.42 1.68
N TRP A 73 24.83 31.00 0.82
CA TRP A 73 24.53 30.71 -0.58
C TRP A 73 23.54 29.58 -0.70
N PHE A 74 23.74 28.53 0.06
CA PHE A 74 22.79 27.39 0.06
C PHE A 74 21.43 27.82 0.62
N ARG A 75 21.43 28.66 1.64
CA ARG A 75 20.16 29.12 2.20
C ARG A 75 19.33 29.83 1.11
N VAL A 76 19.97 30.72 0.37
CA VAL A 76 19.26 31.48 -0.64
C VAL A 76 18.84 30.55 -1.78
N SER A 77 19.73 29.68 -2.21
CA SER A 77 19.46 28.79 -3.32
C SER A 77 18.34 27.80 -2.99
N LEU A 78 18.31 27.30 -1.75
CA LEU A 78 17.21 26.49 -1.29
C LEU A 78 15.87 27.17 -1.55
N ARG A 79 15.77 28.45 -1.18
CA ARG A 79 14.55 29.21 -1.41
C ARG A 79 14.31 29.44 -2.90
N ASN A 80 15.35 29.82 -3.64
CA ASN A 80 15.19 30.03 -5.07
C ASN A 80 14.53 28.77 -5.68
N LEU A 81 14.99 27.60 -5.25
CA LEU A 81 14.55 26.30 -5.81
C LEU A 81 13.11 25.96 -5.44
N LEU A 82 12.69 26.40 -4.27
CA LEU A 82 11.31 26.25 -3.84
C LEU A 82 10.38 26.85 -4.88
N GLY A 83 10.67 28.09 -5.25
CA GLY A 83 9.93 28.74 -6.32
C GLY A 83 10.04 28.09 -7.68
N TYR A 84 11.23 27.69 -8.09
CA TYR A 84 11.42 27.06 -9.39
C TYR A 84 10.55 25.81 -9.54
N TYR A 85 10.41 25.05 -8.48
CA TYR A 85 9.61 23.84 -8.52
C TYR A 85 8.21 24.00 -7.97
N ASN A 86 7.83 25.23 -7.62
CA ASN A 86 6.49 25.50 -7.17
C ASN A 86 6.13 24.53 -6.03
N GLN A 87 7.09 24.34 -5.14
CA GLN A 87 6.95 23.65 -3.89
C GLN A 87 6.41 24.68 -2.86
N SER A 88 5.48 24.31 -2.02
CA SER A 88 4.82 25.34 -1.23
C SER A 88 5.69 25.82 -0.04
N ALA A 89 5.15 25.73 1.17
CA ALA A 89 5.93 26.05 2.35
C ALA A 89 6.15 24.77 3.13
N GLY A 90 7.32 24.70 3.75
CA GLY A 90 7.73 23.49 4.44
C GLY A 90 8.19 22.43 3.45
N GLY A 91 7.97 21.18 3.89
CA GLY A 91 8.56 20.03 3.24
C GLY A 91 9.99 19.96 3.71
N SER A 92 10.63 18.84 3.47
CA SER A 92 12.04 18.72 3.72
C SER A 92 12.74 18.69 2.35
N HIS A 93 13.78 19.51 2.19
CA HIS A 93 14.46 19.69 0.91
C HIS A 93 15.95 19.61 1.07
N THR A 94 16.63 19.16 0.02
CA THR A 94 18.05 18.99 0.11
C THR A 94 18.79 19.47 -1.15
N LEU A 95 19.95 20.04 -0.93
CA LEU A 95 20.75 20.56 -2.03
C LEU A 95 22.13 20.02 -1.82
N GLN A 96 22.69 19.39 -2.85
CA GLN A 96 24.03 18.83 -2.74
C GLN A 96 24.93 19.39 -3.84
N GLN A 97 26.17 19.66 -3.47
CA GLN A 97 27.18 20.09 -4.38
C GLN A 97 28.36 19.20 -4.19
N MET A 98 28.95 18.73 -5.28
CA MET A 98 30.25 18.05 -5.26
C MET A 98 31.21 18.85 -6.12
N SER A 99 32.44 18.93 -5.65
CA SER A 99 33.43 19.58 -6.44
C SER A 99 34.83 19.10 -6.16
N GLY A 100 35.71 19.32 -7.12
CA GLY A 100 37.11 18.98 -6.94
C GLY A 100 37.73 18.49 -8.24
N CYS A 101 38.92 17.92 -8.08
CA CYS A 101 39.79 17.67 -9.20
C CYS A 101 40.43 16.32 -9.07
N ASP A 102 40.58 15.70 -10.22
CA ASP A 102 41.35 14.48 -10.40
C ASP A 102 42.65 14.84 -11.06
N LEU A 103 43.77 14.38 -10.52
CA LEU A 103 45.07 14.43 -11.14
C LEU A 103 45.41 13.05 -11.70
N GLY A 104 46.22 13.00 -12.75
CA GLY A 104 46.81 11.77 -13.22
C GLY A 104 47.96 11.34 -12.33
N SER A 105 48.58 10.24 -12.70
CA SER A 105 49.78 9.78 -12.01
C SER A 105 50.99 10.72 -12.19
N ASP A 106 50.83 11.71 -13.07
CA ASP A 106 51.83 12.75 -13.32
C ASP A 106 51.53 14.04 -12.54
N TRP A 107 50.43 14.02 -11.78
CA TRP A 107 49.99 15.12 -10.91
C TRP A 107 49.38 16.32 -11.61
N ARG A 108 48.98 16.12 -12.86
CA ARG A 108 48.36 17.16 -13.68
C ARG A 108 46.88 16.91 -13.75
N LEU A 109 46.12 17.99 -13.89
CA LEU A 109 44.67 17.95 -13.90
C LEU A 109 44.14 17.06 -15.01
N LEU A 110 43.37 16.04 -14.61
CA LEU A 110 42.75 15.10 -15.54
C LEU A 110 41.30 15.51 -15.76
N ARG A 111 40.62 15.85 -14.69
CA ARG A 111 39.22 16.25 -14.75
C ARG A 111 38.80 17.14 -13.59
N GLY A 112 37.95 18.11 -13.90
CA GLY A 112 37.40 18.99 -12.90
C GLY A 112 35.93 18.69 -12.72
N TYR A 113 35.41 18.92 -11.53
CA TYR A 113 34.01 18.64 -11.22
C TYR A 113 33.41 19.81 -10.50
N LEU A 114 32.23 20.24 -10.94
CA LEU A 114 31.42 21.19 -10.19
C LEU A 114 29.99 20.87 -10.51
N GLN A 115 29.27 20.24 -9.56
CA GLN A 115 27.93 19.76 -9.89
C GLN A 115 26.96 19.68 -8.69
N PHE A 116 25.68 19.81 -8.99
CA PHE A 116 24.66 19.92 -7.96
C PHE A 116 23.51 18.96 -8.15
N ALA A 117 22.97 18.49 -7.04
CA ALA A 117 21.72 17.72 -7.01
C ALA A 117 20.70 18.44 -6.14
N TYR A 118 19.45 18.52 -6.62
CA TYR A 118 18.33 18.92 -5.77
C TYR A 118 17.48 17.72 -5.52
N GLU A 119 17.06 17.51 -4.27
CA GLU A 119 16.25 16.34 -3.88
C GLU A 119 16.86 15.01 -4.33
N GLY A 120 18.18 14.94 -4.39
CA GLY A 120 18.90 13.74 -4.75
C GLY A 120 19.03 13.51 -6.24
N ARG A 121 18.57 14.46 -7.05
CA ARG A 121 18.48 14.28 -8.49
C ARG A 121 19.36 15.35 -9.16
N ASP A 122 20.11 14.94 -10.19
CA ASP A 122 20.96 15.85 -10.95
C ASP A 122 20.17 17.12 -11.22
N TYR A 123 20.84 18.24 -11.01
CA TYR A 123 20.34 19.55 -11.33
C TYR A 123 21.19 20.22 -12.40
N ILE A 124 22.43 20.55 -12.07
CA ILE A 124 23.32 21.19 -13.03
C ILE A 124 24.74 20.76 -12.78
N ALA A 125 25.48 20.54 -13.86
CA ALA A 125 26.87 20.10 -13.78
C ALA A 125 27.74 20.89 -14.74
N LEU A 126 28.89 21.36 -14.27
CA LEU A 126 29.87 21.96 -15.16
C LEU A 126 30.39 20.80 -16.05
N ASN A 127 30.27 20.96 -17.36
CA ASN A 127 30.87 20.04 -18.33
C ASN A 127 32.39 19.96 -18.21
N GLU A 128 32.93 18.89 -18.77
CA GLU A 128 34.37 18.63 -18.69
C GLU A 128 35.23 19.71 -19.32
N ASP A 129 34.75 20.40 -20.35
CA ASP A 129 35.43 21.56 -20.93
C ASP A 129 35.61 22.70 -19.94
N LEU A 130 34.94 22.60 -18.78
CA LEU A 130 35.04 23.60 -17.72
C LEU A 130 34.53 24.99 -18.16
N LYS A 131 33.72 25.04 -19.22
CA LYS A 131 33.20 26.29 -19.78
C LYS A 131 31.67 26.32 -19.96
N THR A 132 31.05 25.16 -20.18
CA THR A 132 29.62 25.07 -20.43
C THR A 132 28.91 24.12 -19.42
N TRP A 133 27.59 24.28 -19.30
CA TRP A 133 26.79 23.63 -18.26
C TRP A 133 25.81 22.70 -18.86
N THR A 134 25.61 21.55 -18.22
CA THR A 134 24.54 20.64 -18.56
C THR A 134 23.43 20.80 -17.53
N ALA A 135 22.21 21.01 -18.01
CA ALA A 135 21.09 21.31 -17.16
C ALA A 135 20.07 20.20 -17.26
N ALA A 136 19.72 19.62 -16.14
CA ALA A 136 18.93 18.39 -16.16
C ALA A 136 17.47 18.66 -16.50
N ASP A 137 16.98 19.84 -16.20
CA ASP A 137 15.57 20.13 -16.43
C ASP A 137 15.32 21.61 -16.67
N MET A 138 14.05 21.99 -16.88
CA MET A 138 13.70 23.37 -17.23
C MET A 138 14.06 24.35 -16.12
N ALA A 139 13.80 23.95 -14.88
CA ALA A 139 14.22 24.74 -13.74
C ALA A 139 15.72 24.99 -13.81
N ALA A 140 16.49 23.93 -14.06
CA ALA A 140 17.94 24.07 -14.10
C ALA A 140 18.37 24.98 -15.23
N GLN A 141 17.61 24.99 -16.32
CA GLN A 141 17.87 25.89 -17.43
C GLN A 141 17.89 27.31 -16.94
N ILE A 142 16.98 27.66 -16.05
CA ILE A 142 16.98 29.03 -15.50
C ILE A 142 18.33 29.31 -14.85
N THR A 143 18.81 28.39 -14.02
CA THR A 143 20.07 28.59 -13.35
C THR A 143 21.19 28.72 -14.37
N ARG A 144 21.23 27.81 -15.33
CA ARG A 144 22.19 27.87 -16.39
C ARG A 144 22.27 29.25 -17.05
N ARG A 145 21.15 29.76 -17.55
CA ARG A 145 21.11 31.08 -18.18
C ARG A 145 21.68 32.10 -17.22
N LYS A 146 21.32 32.00 -15.96
CA LYS A 146 21.82 32.93 -14.95
C LYS A 146 23.36 32.92 -14.85
N TRP A 147 23.93 31.73 -14.83
CA TRP A 147 25.36 31.54 -14.62
C TRP A 147 26.15 31.81 -15.91
N GLU A 148 25.54 31.51 -17.06
CA GLU A 148 26.10 32.00 -18.34
C GLU A 148 26.27 33.54 -18.34
N GLN A 149 25.22 34.24 -17.88
CA GLN A 149 25.25 35.72 -17.78
C GLN A 149 26.32 36.24 -16.82
N SER A 150 26.45 35.61 -15.66
CA SER A 150 27.43 36.08 -14.66
C SER A 150 28.86 35.56 -14.88
N GLY A 151 29.04 34.63 -15.82
CA GLY A 151 30.34 34.04 -16.10
C GLY A 151 30.87 33.19 -14.97
N ALA A 152 29.96 32.55 -14.23
CA ALA A 152 30.35 31.78 -13.09
C ALA A 152 31.30 30.60 -13.46
N ALA A 153 31.10 29.99 -14.62
CA ALA A 153 32.01 28.92 -15.07
C ALA A 153 33.48 29.37 -15.09
N GLU A 154 33.73 30.62 -15.43
CA GLU A 154 35.09 31.14 -15.42
C GLU A 154 35.67 31.07 -14.01
N HIS A 155 34.91 31.54 -13.03
CA HIS A 155 35.27 31.40 -11.62
C HIS A 155 35.62 29.96 -11.25
N TYR A 156 34.74 29.06 -11.60
CA TYR A 156 34.90 27.64 -11.24
C TYR A 156 36.14 26.99 -11.87
N LYS A 157 36.27 27.20 -13.18
CA LYS A 157 37.45 26.79 -13.93
C LYS A 157 38.75 27.31 -13.30
N ALA A 158 38.74 28.54 -12.79
CA ALA A 158 39.94 29.11 -12.20
C ALA A 158 40.27 28.37 -10.90
N TYR A 159 39.26 28.06 -10.09
CA TYR A 159 39.49 27.25 -8.91
C TYR A 159 39.96 25.84 -9.29
N LEU A 160 39.30 25.24 -10.27
CA LEU A 160 39.58 23.84 -10.62
C LEU A 160 40.97 23.65 -11.17
N GLU A 161 41.38 24.53 -12.08
CA GLU A 161 42.70 24.47 -12.72
C GLU A 161 43.80 24.99 -11.81
N GLY A 162 43.48 25.89 -10.88
CA GLY A 162 44.48 26.57 -10.07
C GLY A 162 44.50 26.10 -8.62
N GLU A 163 43.72 26.77 -7.78
CA GLU A 163 43.69 26.51 -6.33
C GLU A 163 43.55 25.03 -5.97
N CYS A 164 42.65 24.32 -6.64
CA CYS A 164 42.38 22.91 -6.34
C CYS A 164 43.58 22.04 -6.55
N VAL A 165 44.20 22.17 -7.72
CA VAL A 165 45.42 21.43 -8.03
C VAL A 165 46.57 21.82 -7.09
N GLU A 166 46.76 23.13 -6.93
CA GLU A 166 47.92 23.64 -6.18
C GLU A 166 47.92 23.16 -4.72
N TRP A 167 46.73 23.11 -4.10
CA TRP A 167 46.62 22.70 -2.70
C TRP A 167 46.56 21.19 -2.53
N LEU A 168 45.94 20.49 -3.48
CA LEU A 168 46.03 19.03 -3.48
C LEU A 168 47.49 18.61 -3.52
N HIS A 169 48.31 19.31 -4.31
CA HIS A 169 49.75 19.03 -4.29
C HIS A 169 50.32 19.19 -2.89
N ARG A 170 50.02 20.31 -2.25
CA ARG A 170 50.51 20.59 -0.92
C ARG A 170 50.09 19.50 0.08
N TYR A 171 48.83 19.06 0.02
CA TYR A 171 48.35 17.99 0.91
C TYR A 171 49.04 16.63 0.63
N LEU A 172 49.29 16.32 -0.63
CA LEU A 172 49.89 15.02 -0.98
C LEU A 172 51.28 14.88 -0.38
N LYS A 173 52.05 15.98 -0.41
CA LYS A 173 53.38 16.04 0.21
C LYS A 173 53.31 16.00 1.74
N ASN A 174 52.39 16.79 2.31
CA ASN A 174 52.32 16.99 3.77
C ASN A 174 51.93 15.72 4.51
N GLY A 175 51.04 14.94 3.91
CA GLY A 175 50.63 13.65 4.44
C GLY A 175 51.16 12.55 3.55
N ASN A 176 52.47 12.54 3.37
CA ASN A 176 53.10 11.71 2.35
C ASN A 176 52.88 10.21 2.56
N ALA A 177 53.12 9.75 3.79
CA ALA A 177 53.14 8.32 4.10
C ALA A 177 51.78 7.71 4.42
N THR A 178 50.71 8.40 4.03
CA THR A 178 49.34 7.97 4.26
C THR A 178 48.57 7.90 2.94
N LEU A 179 48.63 8.98 2.19
CA LEU A 179 47.90 9.15 0.92
C LEU A 179 48.55 8.41 -0.24
N LEU A 180 49.89 8.42 -0.28
CA LEU A 180 50.65 7.95 -1.45
C LEU A 180 51.10 6.52 -1.20
N ARG A 181 50.66 5.99 -0.06
CA ARG A 181 50.91 4.64 0.35
C ARG A 181 49.65 3.84 0.08
N THR A 182 49.81 2.54 -0.14
CA THR A 182 48.68 1.62 -0.25
C THR A 182 48.73 0.58 0.87
N ASP A 183 47.56 0.03 1.19
CA ASP A 183 47.41 -1.08 2.14
C ASP A 183 46.73 -2.21 1.40
N SER A 184 47.41 -3.33 1.29
CA SER A 184 46.88 -4.42 0.49
C SER A 184 45.97 -5.26 1.37
N PRO A 185 45.02 -5.94 0.74
CA PRO A 185 44.04 -6.76 1.47
C PRO A 185 44.69 -7.96 2.12
N LYS A 186 44.42 -8.20 3.39
CA LYS A 186 44.72 -9.47 3.98
C LYS A 186 43.54 -10.34 3.59
N ALA A 187 43.83 -11.45 2.94
CA ALA A 187 42.77 -12.30 2.41
C ALA A 187 42.75 -13.65 3.12
N HIS A 188 41.55 -14.23 3.26
CA HIS A 188 41.36 -15.57 3.83
C HIS A 188 39.93 -16.05 3.63
N VAL A 189 39.72 -17.37 3.81
CA VAL A 189 38.43 -17.99 3.57
C VAL A 189 37.84 -18.64 4.84
N THR A 190 36.63 -18.24 5.21
CA THR A 190 35.89 -18.95 6.26
C THR A 190 34.83 -19.85 5.66
N HIS A 191 34.52 -20.90 6.44
CA HIS A 191 33.76 -22.06 6.00
C HIS A 191 32.47 -22.15 6.84
N HIS A 192 31.32 -22.36 6.16
CA HIS A 192 30.03 -22.38 6.86
C HIS A 192 29.05 -23.44 6.34
N PRO A 193 29.13 -24.64 6.91
CA PRO A 193 28.15 -25.69 6.62
C PRO A 193 26.70 -25.19 6.63
N ARG A 194 25.86 -25.71 5.71
CA ARG A 194 24.53 -25.13 5.46
C ARG A 194 23.44 -26.20 5.47
N SER A 195 22.45 -26.06 4.57
CA SER A 195 21.42 -27.08 4.33
C SER A 195 22.04 -28.44 4.02
N LYS A 196 21.30 -29.34 3.35
CA LYS A 196 21.82 -30.67 3.02
C LYS A 196 22.96 -30.57 2.01
N GLY A 197 24.13 -31.11 2.38
CA GLY A 197 25.25 -31.25 1.46
C GLY A 197 25.75 -29.95 0.85
N GLU A 198 25.51 -28.84 1.55
CA GLU A 198 25.94 -27.52 1.08
C GLU A 198 26.63 -26.78 2.21
N VAL A 199 27.91 -26.42 1.97
CA VAL A 199 28.62 -25.49 2.83
C VAL A 199 28.57 -24.13 2.12
N THR A 200 29.29 -23.14 2.67
CA THR A 200 29.29 -21.78 2.11
C THR A 200 30.69 -21.17 2.24
N LEU A 201 31.39 -21.11 1.10
CA LEU A 201 32.73 -20.53 1.10
C LEU A 201 32.60 -19.01 1.06
N ARG A 202 32.87 -18.36 2.19
CA ARG A 202 32.99 -16.91 2.23
C ARG A 202 34.47 -16.52 2.13
N CYS A 203 34.77 -15.53 1.26
CA CYS A 203 36.14 -15.10 1.00
C CYS A 203 36.32 -13.61 1.33
N TRP A 204 37.32 -13.35 2.17
CA TRP A 204 37.38 -12.13 2.91
C TRP A 204 38.53 -11.32 2.39
N ALA A 205 38.30 -10.03 2.22
CA ALA A 205 39.39 -9.11 2.00
C ALA A 205 39.28 -8.09 3.09
N LEU A 206 40.35 -7.93 3.87
CA LEU A 206 40.32 -7.03 5.01
C LEU A 206 41.45 -6.04 4.97
N GLY A 207 41.19 -4.87 5.54
CA GLY A 207 42.25 -3.91 5.82
C GLY A 207 42.94 -3.28 4.61
N PHE A 208 42.22 -3.11 3.51
CA PHE A 208 42.84 -2.55 2.31
C PHE A 208 42.52 -1.08 2.11
N TYR A 209 43.39 -0.42 1.37
CA TYR A 209 43.17 0.95 0.99
C TYR A 209 43.97 1.21 -0.28
N PRO A 210 43.41 1.84 -1.31
CA PRO A 210 42.04 2.38 -1.36
C PRO A 210 40.90 1.36 -1.39
N ALA A 211 39.69 1.89 -1.53
CA ALA A 211 38.47 1.09 -1.44
C ALA A 211 38.14 0.25 -2.68
N ASP A 212 38.64 0.61 -3.85
CA ASP A 212 38.36 -0.16 -5.06
C ASP A 212 38.98 -1.56 -4.91
N ILE A 213 38.15 -2.58 -5.07
CA ILE A 213 38.58 -3.97 -5.00
C ILE A 213 37.63 -4.88 -5.76
N THR A 214 38.09 -6.08 -6.10
CA THR A 214 37.29 -7.01 -6.82
C THR A 214 37.56 -8.41 -6.32
N LEU A 215 36.49 -9.15 -6.12
CA LEU A 215 36.59 -10.51 -5.67
C LEU A 215 35.81 -11.41 -6.61
N THR A 216 36.41 -12.51 -7.00
CA THR A 216 35.74 -13.47 -7.88
C THR A 216 35.85 -14.84 -7.27
N TRP A 217 34.93 -15.73 -7.66
CA TRP A 217 35.01 -17.13 -7.29
C TRP A 217 35.05 -17.97 -8.56
N GLN A 218 35.92 -18.97 -8.59
CA GLN A 218 36.16 -19.76 -9.78
C GLN A 218 36.05 -21.25 -9.48
N LEU A 219 35.56 -22.01 -10.44
CA LEU A 219 35.44 -23.46 -10.29
C LEU A 219 35.98 -24.10 -11.55
N ASN A 220 37.04 -24.90 -11.41
CA ASN A 220 37.71 -25.49 -12.57
C ASN A 220 38.42 -24.48 -13.50
N GLY A 221 38.07 -23.20 -13.36
CA GLY A 221 38.59 -22.15 -14.24
C GLY A 221 37.56 -21.16 -14.79
N GLU A 222 36.27 -21.44 -14.63
CA GLU A 222 35.19 -20.58 -15.14
C GLU A 222 34.61 -19.67 -14.05
N GLU A 223 34.94 -18.38 -14.11
CA GLU A 223 34.44 -17.39 -13.14
C GLU A 223 32.95 -17.53 -12.87
N LEU A 224 32.59 -17.54 -11.59
CA LEU A 224 31.20 -17.67 -11.15
C LEU A 224 30.68 -16.27 -10.83
N THR A 225 29.59 -15.88 -11.47
CA THR A 225 28.98 -14.57 -11.25
C THR A 225 27.58 -14.69 -10.61
N GLN A 226 26.77 -15.60 -11.14
CA GLN A 226 25.45 -15.91 -10.55
C GLN A 226 25.61 -17.02 -9.50
N ASP A 227 24.71 -17.02 -8.52
CA ASP A 227 24.78 -17.92 -7.34
C ASP A 227 25.59 -17.27 -6.21
N MET A 228 26.29 -16.17 -6.53
CA MET A 228 27.27 -15.57 -5.63
C MET A 228 26.72 -14.34 -4.90
N GLU A 229 27.13 -14.22 -3.63
CA GLU A 229 26.68 -13.14 -2.78
C GLU A 229 27.84 -12.19 -2.51
N LEU A 230 27.58 -10.91 -2.75
CA LEU A 230 28.53 -9.84 -2.56
C LEU A 230 28.03 -8.89 -1.48
N VAL A 231 28.94 -8.32 -0.71
CA VAL A 231 28.57 -7.19 0.12
C VAL A 231 29.26 -5.94 -0.42
N GLU A 232 28.67 -4.81 -0.08
CA GLU A 232 29.21 -3.53 -0.51
C GLU A 232 30.47 -3.31 0.31
N THR A 233 31.53 -2.94 -0.39
CA THR A 233 32.74 -2.45 0.26
C THR A 233 32.39 -1.45 1.39
N ARG A 234 33.00 -1.66 2.54
CA ARG A 234 32.62 -1.03 3.78
C ARG A 234 33.84 -0.49 4.48
N PRO A 235 33.73 0.66 5.12
CA PRO A 235 34.83 1.17 5.95
C PRO A 235 34.96 0.44 7.27
N ALA A 236 36.19 0.12 7.64
CA ALA A 236 36.47 -0.48 8.94
C ALA A 236 36.51 0.55 10.04
N GLY A 237 36.69 1.83 9.68
CA GLY A 237 36.70 2.94 10.61
C GLY A 237 38.08 3.55 10.86
N ASP A 238 39.12 2.84 10.45
CA ASP A 238 40.49 3.18 10.77
C ASP A 238 41.28 3.63 9.54
N GLY A 239 40.57 3.96 8.45
CA GLY A 239 41.16 4.27 7.17
C GLY A 239 41.13 3.14 6.15
N THR A 240 40.81 1.92 6.58
CA THR A 240 40.74 0.75 5.66
C THR A 240 39.33 0.29 5.33
N PHE A 241 39.27 -0.75 4.46
CA PHE A 241 38.00 -1.25 3.97
C PHE A 241 37.87 -2.79 4.04
N GLN A 242 36.64 -3.28 4.00
CA GLN A 242 36.37 -4.70 4.01
C GLN A 242 35.44 -5.01 2.85
N LYS A 243 35.56 -6.23 2.34
CA LYS A 243 34.56 -6.79 1.46
C LYS A 243 34.61 -8.29 1.57
N TRP A 244 33.50 -8.92 1.27
CA TRP A 244 33.55 -10.33 1.11
C TRP A 244 32.68 -10.81 -0.04
N ALA A 245 33.00 -12.02 -0.50
CA ALA A 245 32.27 -12.65 -1.58
C ALA A 245 32.10 -14.09 -1.22
N SER A 246 30.87 -14.57 -1.32
CA SER A 246 30.55 -15.93 -0.91
C SER A 246 29.87 -16.67 -2.05
N VAL A 247 29.80 -17.99 -1.91
CA VAL A 247 29.25 -18.86 -2.95
C VAL A 247 28.69 -20.12 -2.34
N VAL A 248 27.82 -20.80 -3.07
CA VAL A 248 27.29 -22.10 -2.66
C VAL A 248 28.22 -23.20 -3.20
N VAL A 249 28.51 -24.18 -2.35
CA VAL A 249 29.41 -25.30 -2.69
C VAL A 249 28.97 -26.59 -1.99
N PRO A 250 29.03 -27.74 -2.66
CA PRO A 250 28.74 -29.00 -1.98
C PRO A 250 29.90 -29.41 -1.06
N LEU A 251 29.54 -30.34 -0.08
CA LEU A 251 30.55 -31.02 0.72
C LEU A 251 31.45 -31.89 -0.16
N GLY A 252 32.77 -31.73 0.03
CA GLY A 252 33.77 -32.42 -0.78
C GLY A 252 34.45 -31.55 -1.83
N LYS A 253 33.70 -30.63 -2.46
CA LYS A 253 34.21 -29.84 -3.57
C LYS A 253 34.89 -28.54 -3.16
N GLU A 254 35.43 -28.47 -1.95
CA GLU A 254 36.09 -27.26 -1.46
C GLU A 254 37.36 -26.93 -2.22
N GLN A 255 38.22 -27.94 -2.42
CA GLN A 255 39.51 -27.73 -3.10
C GLN A 255 39.40 -27.49 -4.67
N ASN A 256 38.15 -27.69 -5.17
CA ASN A 256 37.81 -27.25 -6.53
C ASN A 256 37.74 -25.70 -6.69
N TYR A 257 37.06 -25.02 -5.75
CA TYR A 257 36.76 -23.58 -5.88
C TYR A 257 37.91 -22.78 -5.31
N THR A 258 38.14 -21.60 -6.00
CA THR A 258 39.18 -20.63 -5.64
C THR A 258 38.71 -19.15 -5.73
N CYS A 259 39.02 -18.35 -4.71
CA CYS A 259 38.68 -16.91 -4.71
C CYS A 259 39.86 -16.06 -5.16
N ARG A 260 39.59 -15.08 -6.02
CA ARG A 260 40.64 -14.16 -6.39
C ARG A 260 40.37 -12.74 -5.90
N VAL A 261 41.42 -12.08 -5.42
CA VAL A 261 41.35 -10.72 -4.95
C VAL A 261 42.21 -9.81 -5.85
N TYR A 262 41.57 -8.77 -6.40
CA TYR A 262 42.22 -7.82 -7.27
C TYR A 262 42.28 -6.44 -6.59
N HIS A 263 43.46 -5.97 -6.21
CA HIS A 263 43.62 -4.67 -5.54
C HIS A 263 44.94 -3.96 -5.96
N GLU A 264 44.96 -2.62 -5.98
CA GLU A 264 46.14 -1.85 -6.43
C GLU A 264 47.39 -2.13 -5.63
N GLY A 265 47.21 -2.49 -4.37
CA GLY A 265 48.29 -2.72 -3.44
C GLY A 265 48.99 -4.05 -3.66
N LEU A 266 48.31 -4.95 -4.38
CA LEU A 266 48.85 -6.26 -4.67
C LEU A 266 49.91 -6.21 -5.76
N PRO A 267 51.04 -6.85 -5.53
CA PRO A 267 52.03 -7.07 -6.61
C PRO A 267 51.39 -7.82 -7.78
N GLU A 268 50.29 -8.54 -7.50
CA GLU A 268 49.51 -9.25 -8.50
C GLU A 268 48.22 -9.82 -7.87
N PRO A 269 47.23 -10.20 -8.69
CA PRO A 269 46.00 -10.81 -8.17
C PRO A 269 46.30 -11.98 -7.24
N LEU A 270 45.35 -12.27 -6.37
CA LEU A 270 45.54 -13.16 -5.24
C LEU A 270 44.62 -14.35 -5.39
N THR A 271 45.14 -15.54 -5.12
CA THR A 271 44.35 -16.76 -5.23
C THR A 271 44.39 -17.51 -3.89
N LEU A 272 43.29 -18.15 -3.54
CA LEU A 272 43.20 -18.86 -2.26
C LEU A 272 41.96 -19.73 -2.17
N ARG A 273 41.97 -20.67 -1.22
CA ARG A 273 40.80 -21.49 -0.92
C ARG A 273 40.74 -21.83 0.56
N TRP A 274 39.76 -22.66 0.92
CA TRP A 274 39.58 -23.14 2.28
C TRP A 274 40.84 -23.85 2.77
N GLU A 275 41.20 -23.60 4.03
CA GLU A 275 42.37 -24.20 4.65
C GLU A 275 41.95 -24.84 5.99
N PRO A 276 41.75 -26.17 6.01
CA PRO A 276 41.31 -26.88 7.23
C PRO A 276 42.31 -26.79 8.39
N ILE B 1 12.62 12.65 -3.58
CA ILE B 1 12.28 11.17 -3.63
C ILE B 1 12.97 10.44 -2.49
N GLN B 2 12.14 9.83 -1.63
CA GLN B 2 12.59 9.12 -0.46
C GLN B 2 13.25 7.79 -0.82
N LYS B 3 14.37 7.50 -0.19
CA LYS B 3 15.11 6.25 -0.39
C LYS B 3 15.45 5.65 0.96
N THR B 4 15.34 4.34 1.04
CA THR B 4 15.52 3.61 2.29
C THR B 4 16.98 3.38 2.58
N PRO B 5 17.37 3.45 3.85
CA PRO B 5 18.72 3.08 4.25
C PRO B 5 18.93 1.59 4.17
N GLN B 6 20.08 1.20 3.62
CA GLN B 6 20.63 -0.11 3.78
C GLN B 6 21.64 -0.03 4.92
N ILE B 7 21.74 -1.12 5.69
CA ILE B 7 22.54 -1.21 6.90
C ILE B 7 23.43 -2.44 6.86
N GLN B 8 24.71 -2.27 7.17
CA GLN B 8 25.61 -3.36 7.53
C GLN B 8 26.13 -3.14 8.96
N VAL B 9 26.13 -4.20 9.76
CA VAL B 9 26.74 -4.23 11.10
C VAL B 9 27.86 -5.27 11.06
N TYR B 10 28.99 -4.90 11.64
CA TYR B 10 30.29 -5.61 11.44
C TYR B 10 31.41 -4.95 12.23
N SER B 11 32.42 -5.75 12.56
CA SER B 11 33.47 -5.33 13.49
C SER B 11 34.71 -4.88 12.73
N ARG B 12 35.38 -3.88 13.30
CA ARG B 12 36.59 -3.30 12.70
C ARG B 12 37.63 -4.40 12.52
N HIS B 13 37.79 -5.20 13.57
CA HIS B 13 38.83 -6.21 13.61
C HIS B 13 38.18 -7.57 13.66
N PRO B 14 38.88 -8.58 13.17
CA PRO B 14 38.47 -9.97 13.39
C PRO B 14 38.09 -10.21 14.87
N PRO B 15 36.87 -10.69 15.11
CA PRO B 15 36.32 -10.79 16.47
C PRO B 15 36.84 -11.96 17.29
N GLU B 16 37.42 -11.67 18.44
CA GLU B 16 37.72 -12.67 19.49
C GLU B 16 36.98 -12.26 20.74
N ASN B 17 36.43 -13.22 21.45
CA ASN B 17 35.76 -12.93 22.70
C ASN B 17 36.71 -12.34 23.74
N GLY B 18 36.17 -11.41 24.51
CA GLY B 18 36.92 -10.75 25.55
C GLY B 18 38.04 -9.86 25.06
N LYS B 19 37.97 -9.41 23.81
CA LYS B 19 39.08 -8.63 23.25
C LYS B 19 38.62 -7.32 22.55
N PRO B 20 38.97 -6.19 23.17
CA PRO B 20 38.61 -4.87 22.65
C PRO B 20 38.66 -4.72 21.11
N ASN B 21 37.53 -4.20 20.60
CA ASN B 21 37.24 -4.11 19.19
C ASN B 21 36.35 -2.89 19.00
N ILE B 22 36.00 -2.59 17.74
CA ILE B 22 35.09 -1.51 17.42
C ILE B 22 33.98 -2.06 16.59
N LEU B 23 32.75 -1.71 16.93
CA LEU B 23 31.60 -2.20 16.20
C LEU B 23 31.11 -1.12 15.31
N ASN B 24 30.86 -1.48 14.05
CA ASN B 24 30.42 -0.55 13.01
C ASN B 24 29.03 -0.82 12.54
N CYS B 25 28.29 0.27 12.30
CA CYS B 25 27.03 0.23 11.59
C CYS B 25 27.10 1.22 10.46
N TYR B 26 27.22 0.72 9.25
CA TYR B 26 27.40 1.54 8.03
C TYR B 26 26.05 1.57 7.27
N VAL B 27 25.47 2.76 7.21
CA VAL B 27 24.16 2.99 6.64
C VAL B 27 24.29 3.83 5.36
N THR B 28 23.72 3.35 4.26
CA THR B 28 23.91 3.96 2.95
C THR B 28 22.61 4.09 2.20
N GLN B 29 22.67 4.89 1.13
CA GLN B 29 21.62 4.97 0.11
C GLN B 29 20.30 5.55 0.61
N PHE B 30 20.32 6.36 1.64
CA PHE B 30 19.08 6.95 2.16
C PHE B 30 18.96 8.38 1.65
N HIS B 31 17.72 8.87 1.59
CA HIS B 31 17.42 10.25 1.32
C HIS B 31 16.02 10.65 1.86
N PRO B 32 15.85 11.80 2.52
CA PRO B 32 16.86 12.84 2.71
C PRO B 32 17.86 12.48 3.82
N PRO B 33 18.91 13.28 3.95
CA PRO B 33 20.01 12.90 4.84
C PRO B 33 19.63 12.81 6.32
N HIS B 34 18.63 13.55 6.79
CA HIS B 34 18.12 13.45 8.18
C HIS B 34 17.87 11.98 8.63
N ILE B 35 18.56 11.53 9.67
CA ILE B 35 18.53 10.12 10.12
C ILE B 35 18.96 9.95 11.56
N GLU B 36 18.49 8.86 12.18
CA GLU B 36 18.84 8.45 13.55
C GLU B 36 19.38 7.00 13.60
N ILE B 37 20.47 6.82 14.33
CA ILE B 37 21.21 5.56 14.39
C ILE B 37 21.55 5.25 15.85
N GLN B 38 21.02 4.15 16.37
CA GLN B 38 21.33 3.71 17.71
C GLN B 38 22.12 2.42 17.57
N MET B 39 23.13 2.24 18.42
CA MET B 39 23.77 0.94 18.52
C MET B 39 23.40 0.28 19.84
N LEU B 40 23.21 -1.03 19.80
CA LEU B 40 22.61 -1.72 20.94
C LEU B 40 23.34 -3.00 21.36
N LYS B 41 23.29 -3.27 22.66
CA LYS B 41 23.73 -4.54 23.27
C LYS B 41 22.65 -4.98 24.26
N ASN B 42 22.17 -6.20 24.07
CA ASN B 42 21.00 -6.74 24.82
C ASN B 42 19.85 -5.75 24.93
N GLY B 43 19.62 -5.00 23.85
CA GLY B 43 18.50 -4.08 23.77
C GLY B 43 18.70 -2.72 24.42
N LYS B 44 19.90 -2.45 24.95
CA LYS B 44 20.21 -1.15 25.53
C LYS B 44 21.19 -0.36 24.67
N LYS B 45 20.96 0.94 24.56
CA LYS B 45 21.90 1.85 23.89
C LYS B 45 23.31 1.60 24.43
N ILE B 46 24.27 1.43 23.53
CA ILE B 46 25.67 1.37 23.92
C ILE B 46 26.11 2.83 24.07
N PRO B 47 26.83 3.15 25.15
CA PRO B 47 27.14 4.55 25.51
C PRO B 47 27.76 5.45 24.42
N LYS B 48 29.00 5.20 24.05
CA LYS B 48 29.81 6.22 23.36
C LYS B 48 29.75 6.01 21.86
N VAL B 49 28.57 6.20 21.27
CA VAL B 49 28.39 5.95 19.84
C VAL B 49 28.89 7.16 19.03
N GLU B 50 30.10 7.06 18.50
CA GLU B 50 30.61 8.10 17.60
C GLU B 50 29.91 7.97 16.26
N MET B 51 29.59 9.12 15.70
CA MET B 51 28.95 9.23 14.41
C MET B 51 29.91 9.93 13.46
N SER B 52 29.96 9.46 12.22
CA SER B 52 30.78 10.13 11.21
C SER B 52 29.98 11.28 10.57
N ASP B 53 30.68 12.10 9.84
CA ASP B 53 30.08 13.25 9.17
C ASP B 53 29.16 12.86 8.03
N MET B 54 27.98 13.48 7.95
CA MET B 54 27.06 13.21 6.84
C MET B 54 27.76 13.44 5.49
N SER B 55 28.16 12.35 4.84
CA SER B 55 28.79 12.41 3.51
C SER B 55 27.90 11.73 2.46
N PHE B 56 28.34 11.77 1.21
CA PHE B 56 27.61 11.15 0.12
C PHE B 56 28.54 10.80 -1.03
N SER B 57 28.09 9.89 -1.87
CA SER B 57 28.90 9.33 -2.93
C SER B 57 28.66 10.13 -4.17
N LYS B 58 29.43 9.84 -5.21
CA LYS B 58 29.45 10.69 -6.39
C LYS B 58 28.13 10.54 -7.16
N ASP B 59 27.33 9.52 -6.80
CA ASP B 59 26.00 9.33 -7.35
C ASP B 59 24.89 9.99 -6.51
N TRP B 60 25.30 10.80 -5.54
CA TRP B 60 24.38 11.58 -4.67
C TRP B 60 23.81 10.82 -3.46
N SER B 61 24.07 9.51 -3.35
CA SER B 61 23.56 8.74 -2.21
C SER B 61 24.31 9.09 -0.95
N PHE B 62 23.59 9.28 0.14
CA PHE B 62 24.27 9.59 1.38
C PHE B 62 24.85 8.34 1.98
N TYR B 63 25.84 8.51 2.84
CA TYR B 63 26.29 7.43 3.69
C TYR B 63 26.75 7.99 5.03
N ILE B 64 26.80 7.11 6.01
CA ILE B 64 27.29 7.47 7.31
C ILE B 64 27.76 6.21 8.05
N LEU B 65 28.77 6.38 8.90
CA LEU B 65 29.34 5.28 9.63
C LEU B 65 29.25 5.64 11.08
N ALA B 66 28.43 4.87 11.80
CA ALA B 66 28.39 4.93 13.23
C ALA B 66 29.29 3.82 13.77
N HIS B 67 30.02 4.12 14.84
CA HIS B 67 30.81 3.13 15.53
C HIS B 67 30.92 3.33 17.05
N THR B 68 31.31 2.28 17.74
CA THR B 68 31.48 2.35 19.18
C THR B 68 32.43 1.29 19.68
N GLU B 69 33.13 1.61 20.77
CA GLU B 69 34.02 0.66 21.41
C GLU B 69 33.21 -0.47 22.00
N PHE B 70 33.72 -1.68 21.87
CA PHE B 70 33.07 -2.83 22.50
C PHE B 70 33.96 -4.04 22.66
N THR B 71 33.55 -4.95 23.54
CA THR B 71 34.25 -6.21 23.70
C THR B 71 33.29 -7.33 23.32
N PRO B 72 33.47 -7.91 22.13
CA PRO B 72 32.56 -8.97 21.68
C PRO B 72 32.49 -10.11 22.68
N THR B 73 31.28 -10.59 22.91
CA THR B 73 31.04 -11.84 23.64
C THR B 73 30.23 -12.74 22.73
N GLU B 74 30.12 -14.01 23.16
CA GLU B 74 29.26 -15.05 22.56
C GLU B 74 27.87 -15.00 23.19
N THR B 75 27.74 -14.26 24.28
CA THR B 75 26.60 -14.42 25.18
C THR B 75 25.58 -13.29 25.12
N ASP B 76 25.91 -12.25 24.36
CA ASP B 76 25.04 -11.08 24.20
C ASP B 76 24.65 -10.88 22.74
N THR B 77 23.51 -10.24 22.51
CA THR B 77 23.19 -9.82 21.15
C THR B 77 23.79 -8.44 20.95
N TYR B 78 24.01 -8.09 19.69
CA TYR B 78 24.54 -6.81 19.33
C TYR B 78 23.73 -6.37 18.14
N ALA B 79 23.37 -5.07 18.07
CA ALA B 79 22.45 -4.59 17.03
C ALA B 79 22.61 -3.09 16.64
N CYS B 80 22.02 -2.73 15.52
CA CYS B 80 22.05 -1.37 15.06
C CYS B 80 20.67 -1.04 14.63
N ARG B 81 20.21 0.13 15.02
CA ARG B 81 18.81 0.46 14.78
C ARG B 81 18.66 1.85 14.22
N VAL B 82 17.95 1.92 13.12
CA VAL B 82 17.90 3.10 12.32
C VAL B 82 16.52 3.59 12.15
N LYS B 83 16.31 4.88 12.39
CA LYS B 83 15.04 5.51 12.15
C LYS B 83 15.21 6.56 11.04
N HIS B 84 14.29 6.54 10.09
CA HIS B 84 14.36 7.35 8.89
C HIS B 84 12.96 7.50 8.30
N ASP B 85 12.67 8.67 7.75
CA ASP B 85 11.31 9.00 7.33
C ASP B 85 10.81 8.20 6.13
N SER B 86 11.71 7.51 5.44
CA SER B 86 11.34 6.57 4.39
C SER B 86 10.57 5.37 4.95
N MET B 87 10.90 4.97 6.18
CA MET B 87 10.24 3.87 6.84
C MET B 87 9.27 4.35 7.90
N ALA B 88 8.09 3.74 7.91
CA ALA B 88 7.06 4.06 8.88
C ALA B 88 7.53 3.74 10.29
N GLU B 89 8.52 2.87 10.42
CA GLU B 89 9.08 2.52 11.72
C GLU B 89 10.53 2.02 11.63
N PRO B 90 11.22 1.97 12.77
CA PRO B 90 12.66 1.73 12.78
C PRO B 90 13.02 0.39 12.16
N LYS B 91 14.26 0.25 11.72
CA LYS B 91 14.79 -1.02 11.25
C LYS B 91 16.04 -1.37 12.03
N THR B 92 16.19 -2.64 12.36
CA THR B 92 17.28 -3.12 13.19
C THR B 92 18.01 -4.21 12.45
N VAL B 93 19.33 -4.21 12.55
CA VAL B 93 20.15 -5.28 12.01
C VAL B 93 21.04 -5.78 13.14
N TYR B 94 21.01 -7.11 13.36
CA TYR B 94 21.86 -7.75 14.34
C TYR B 94 23.24 -8.06 13.78
N TRP B 95 24.27 -7.87 14.61
CA TRP B 95 25.58 -8.34 14.33
C TRP B 95 25.64 -9.85 14.22
N ASP B 96 26.39 -10.25 13.22
CA ASP B 96 26.73 -11.61 12.99
C ASP B 96 28.23 -11.60 12.67
N ARG B 97 29.03 -12.18 13.55
CA ARG B 97 30.48 -12.14 13.39
C ARG B 97 30.93 -12.76 12.10
N ASP B 98 30.17 -13.72 11.59
CA ASP B 98 30.49 -14.32 10.31
C ASP B 98 30.24 -13.42 9.12
N MET B 99 29.78 -12.20 9.34
CA MET B 99 29.42 -11.30 8.25
C MET B 99 29.87 -9.85 8.41
N LYS C 1 41.83 22.79 -0.27
CA LYS C 1 41.09 24.06 -0.12
C LYS C 1 39.79 24.02 -0.93
N ALA C 2 38.77 24.67 -0.40
CA ALA C 2 37.41 24.51 -0.88
C ALA C 2 37.09 25.54 -1.95
N VAL C 3 36.21 25.18 -2.86
CA VAL C 3 35.59 26.11 -3.76
C VAL C 3 34.65 27.07 -2.97
N TYR C 4 34.26 28.18 -3.60
CA TYR C 4 33.09 28.90 -3.13
C TYR C 4 32.24 29.39 -4.29
N ASN C 5 30.94 29.49 -4.01
CA ASN C 5 29.99 29.78 -5.05
C ASN C 5 29.84 31.27 -5.08
N LEU C 6 29.43 31.76 -6.23
CA LEU C 6 29.15 33.18 -6.41
C LEU C 6 27.67 33.44 -6.72
N ALA C 7 27.26 33.38 -7.99
CA ALA C 7 25.85 33.59 -8.36
C ALA C 7 25.03 32.48 -7.75
N THR C 8 23.91 32.82 -7.15
CA THR C 8 23.02 31.80 -6.60
C THR C 8 22.28 31.08 -7.72
N MET C 9 21.56 30.03 -7.33
CA MET C 9 20.77 29.19 -8.25
C MET C 9 19.73 30.03 -8.99
N GLY D 1 -35.50 -11.93 19.34
CA GLY D 1 -36.55 -11.10 18.67
C GLY D 1 -37.24 -11.91 17.58
N PRO D 2 -37.90 -11.20 16.67
CA PRO D 2 -38.60 -11.85 15.56
C PRO D 2 -37.61 -12.39 14.52
N HIS D 3 -38.11 -13.25 13.64
CA HIS D 3 -37.30 -13.89 12.62
C HIS D 3 -38.12 -14.17 11.37
N SER D 4 -37.43 -14.43 10.27
CA SER D 4 -38.10 -14.66 9.02
C SER D 4 -37.30 -15.60 8.11
N MET D 5 -38.01 -16.36 7.30
CA MET D 5 -37.42 -17.10 6.19
C MET D 5 -38.06 -16.62 4.88
N ARG D 6 -37.23 -16.27 3.89
CA ARG D 6 -37.67 -15.93 2.52
C ARG D 6 -36.96 -16.72 1.42
N TYR D 7 -37.71 -17.27 0.47
CA TYR D 7 -37.12 -17.72 -0.77
C TYR D 7 -37.49 -16.72 -1.86
N PHE D 8 -36.49 -16.28 -2.63
CA PHE D 8 -36.70 -15.36 -3.74
C PHE D 8 -36.36 -16.12 -5.02
N GLU D 9 -37.36 -16.37 -5.88
CA GLU D 9 -37.11 -17.06 -7.12
C GLU D 9 -37.36 -16.16 -8.35
N THR D 10 -36.46 -16.27 -9.33
CA THR D 10 -36.51 -15.47 -10.56
C THR D 10 -36.36 -16.42 -11.73
N ALA D 11 -37.26 -16.35 -12.72
CA ALA D 11 -37.00 -16.95 -14.04
C ALA D 11 -37.05 -15.87 -15.12
N VAL D 12 -36.02 -15.84 -15.97
CA VAL D 12 -35.87 -14.79 -16.98
C VAL D 12 -35.74 -15.39 -18.38
N SER D 13 -36.66 -15.04 -19.27
CA SER D 13 -36.57 -15.33 -20.70
C SER D 13 -35.54 -14.42 -21.33
N ARG D 14 -34.89 -14.91 -22.37
CA ARG D 14 -34.06 -14.08 -23.26
C ARG D 14 -34.19 -14.56 -24.72
N PRO D 15 -34.34 -13.65 -25.67
CA PRO D 15 -34.37 -14.02 -27.10
C PRO D 15 -33.21 -14.94 -27.46
N GLY D 16 -33.48 -16.14 -28.01
CA GLY D 16 -32.42 -17.04 -28.45
C GLY D 16 -32.44 -18.50 -28.01
N LEU D 17 -32.44 -18.75 -26.71
CA LEU D 17 -32.22 -20.10 -26.16
C LEU D 17 -33.49 -20.76 -25.64
N GLU D 18 -33.54 -22.08 -25.85
CA GLU D 18 -34.68 -22.91 -25.48
C GLU D 18 -35.22 -22.60 -24.11
N GLU D 19 -34.38 -22.71 -23.08
CA GLU D 19 -34.86 -22.64 -21.70
C GLU D 19 -34.32 -21.41 -20.95
N PRO D 20 -35.19 -20.71 -20.20
CA PRO D 20 -34.78 -19.53 -19.44
C PRO D 20 -33.93 -19.88 -18.21
N ARG D 21 -33.27 -18.88 -17.68
CA ARG D 21 -32.45 -18.99 -16.48
C ARG D 21 -33.37 -18.90 -15.24
N TYR D 22 -33.24 -19.85 -14.32
CA TYR D 22 -34.00 -19.87 -13.07
C TYR D 22 -33.03 -19.80 -11.91
N ILE D 23 -33.28 -18.85 -11.00
CA ILE D 23 -32.49 -18.70 -9.78
C ILE D 23 -33.39 -18.65 -8.55
N SER D 24 -32.96 -19.28 -7.47
CA SER D 24 -33.62 -19.24 -6.18
C SER D 24 -32.57 -18.93 -5.12
N VAL D 25 -32.88 -17.97 -4.24
CA VAL D 25 -32.01 -17.65 -3.10
C VAL D 25 -32.85 -17.68 -1.82
N GLY D 26 -32.34 -18.34 -0.79
CA GLY D 26 -33.02 -18.43 0.48
C GLY D 26 -32.36 -17.49 1.47
N TYR D 27 -33.17 -16.79 2.26
CA TYR D 27 -32.67 -15.99 3.34
C TYR D 27 -33.30 -16.42 4.68
N VAL D 28 -32.46 -16.60 5.69
CA VAL D 28 -32.94 -16.55 7.06
C VAL D 28 -32.53 -15.21 7.63
N ASP D 29 -33.53 -14.41 7.97
CA ASP D 29 -33.34 -13.09 8.56
C ASP D 29 -32.51 -12.27 7.63
N ASN D 30 -32.79 -12.35 6.35
CA ASN D 30 -32.12 -11.42 5.49
C ASN D 30 -30.57 -11.62 5.62
N LYS D 31 -30.20 -12.90 5.75
CA LYS D 31 -28.83 -13.38 5.62
C LYS D 31 -28.93 -14.63 4.73
N GLU D 32 -28.19 -14.61 3.63
CA GLU D 32 -28.28 -15.65 2.60
C GLU D 32 -27.84 -17.01 3.18
N PHE D 33 -28.65 -18.05 2.96
CA PHE D 33 -28.29 -19.41 3.43
C PHE D 33 -28.32 -20.57 2.43
N VAL D 34 -28.99 -20.42 1.29
CA VAL D 34 -29.01 -21.41 0.22
C VAL D 34 -29.23 -20.74 -1.12
N ARG D 35 -28.79 -21.40 -2.19
CA ARG D 35 -28.87 -20.84 -3.54
C ARG D 35 -28.94 -21.94 -4.58
N PHE D 36 -29.77 -21.76 -5.60
CA PHE D 36 -29.83 -22.64 -6.77
C PHE D 36 -29.80 -21.77 -8.03
N ASP D 37 -28.99 -22.16 -9.01
CA ASP D 37 -28.80 -21.43 -10.26
C ASP D 37 -28.71 -22.42 -11.43
N SER D 38 -29.68 -22.35 -12.35
CA SER D 38 -29.84 -23.32 -13.41
C SER D 38 -28.71 -23.24 -14.45
N ASP D 39 -27.99 -22.13 -14.42
CA ASP D 39 -26.84 -21.91 -15.26
C ASP D 39 -25.61 -22.72 -14.85
N ALA D 40 -25.34 -22.80 -13.55
CA ALA D 40 -24.23 -23.60 -13.03
C ALA D 40 -24.11 -24.96 -13.72
N GLU D 41 -22.87 -25.46 -13.84
CA GLU D 41 -22.59 -26.75 -14.50
C GLU D 41 -23.29 -27.95 -13.84
N ASN D 42 -23.47 -27.88 -12.52
CA ASN D 42 -24.09 -28.95 -11.74
C ASN D 42 -25.19 -28.36 -10.87
N PRO D 43 -26.33 -27.98 -11.47
CA PRO D 43 -27.38 -27.25 -10.76
C PRO D 43 -27.90 -27.96 -9.51
N ARG D 44 -27.74 -27.31 -8.36
CA ARG D 44 -28.20 -27.85 -7.08
C ARG D 44 -28.34 -26.73 -6.04
N TYR D 45 -29.22 -26.93 -5.07
CA TYR D 45 -29.20 -26.06 -3.92
C TYR D 45 -27.85 -26.25 -3.19
N GLU D 46 -27.18 -25.14 -2.86
CA GLU D 46 -25.90 -25.14 -2.17
C GLU D 46 -25.94 -24.27 -0.91
N PRO D 47 -25.21 -24.67 0.12
CA PRO D 47 -25.15 -23.89 1.35
C PRO D 47 -24.45 -22.55 1.13
N ARG D 48 -25.04 -21.47 1.63
CA ARG D 48 -24.46 -20.13 1.54
C ARG D 48 -24.13 -19.57 2.90
N ALA D 49 -24.09 -20.45 3.89
CA ALA D 49 -23.68 -20.11 5.25
C ALA D 49 -23.12 -21.37 5.91
N PRO D 50 -22.03 -21.22 6.66
CA PRO D 50 -21.40 -22.36 7.34
C PRO D 50 -22.35 -23.23 8.20
N TRP D 51 -23.33 -22.65 8.88
CA TRP D 51 -24.16 -23.46 9.74
C TRP D 51 -25.05 -24.40 8.96
N MET D 52 -25.44 -24.00 7.75
CA MET D 52 -26.22 -24.87 6.87
C MET D 52 -25.39 -26.03 6.32
N GLU D 53 -24.08 -25.96 6.43
CA GLU D 53 -23.18 -27.00 5.92
C GLU D 53 -23.44 -28.39 6.51
N GLN D 54 -24.09 -28.44 7.68
CA GLN D 54 -24.31 -29.70 8.39
C GLN D 54 -25.63 -30.39 8.08
N GLU D 55 -26.35 -29.92 7.07
CA GLU D 55 -27.42 -30.71 6.48
C GLU D 55 -26.79 -31.79 5.58
N GLY D 56 -27.42 -32.96 5.56
CA GLY D 56 -26.89 -34.13 4.89
C GLY D 56 -27.36 -34.21 3.45
N PRO D 57 -26.76 -35.11 2.69
CA PRO D 57 -27.08 -35.29 1.26
C PRO D 57 -28.58 -35.46 0.95
N GLU D 58 -29.34 -36.09 1.83
CA GLU D 58 -30.77 -36.24 1.58
C GLU D 58 -31.47 -34.87 1.56
N TYR D 59 -31.14 -34.05 2.55
CA TYR D 59 -31.59 -32.68 2.55
C TYR D 59 -31.34 -32.01 1.20
N TRP D 60 -30.10 -32.02 0.74
CA TRP D 60 -29.74 -31.33 -0.50
C TRP D 60 -30.44 -31.88 -1.74
N GLU D 61 -30.69 -33.18 -1.78
CA GLU D 61 -31.27 -33.80 -2.96
C GLU D 61 -32.75 -33.49 -3.02
N ARG D 62 -33.40 -33.42 -1.86
CA ARG D 62 -34.82 -33.18 -1.82
C ARG D 62 -35.15 -31.74 -2.17
N GLU D 63 -34.37 -30.81 -1.63
CA GLU D 63 -34.52 -29.41 -2.00
C GLU D 63 -34.17 -29.18 -3.47
N THR D 64 -33.11 -29.82 -3.96
CA THR D 64 -32.75 -29.71 -5.37
C THR D 64 -33.91 -30.19 -6.26
N GLN D 65 -34.66 -31.20 -5.85
CA GLN D 65 -35.79 -31.68 -6.65
C GLN D 65 -36.87 -30.59 -6.71
N LYS D 66 -37.08 -29.93 -5.61
CA LYS D 66 -38.01 -28.80 -5.59
C LYS D 66 -37.60 -27.71 -6.55
N ALA D 67 -36.32 -27.38 -6.58
CA ALA D 67 -35.80 -26.41 -7.54
C ALA D 67 -36.00 -26.85 -8.98
N LYS D 68 -35.73 -28.13 -9.26
CA LYS D 68 -35.88 -28.67 -10.62
C LYS D 68 -37.32 -28.62 -11.06
N GLY D 69 -38.23 -28.92 -10.15
CA GLY D 69 -39.64 -28.81 -10.48
C GLY D 69 -40.08 -27.34 -10.61
N GLN D 70 -39.59 -26.48 -9.73
CA GLN D 70 -39.85 -25.06 -9.86
C GLN D 70 -39.40 -24.54 -11.23
N GLU D 71 -38.22 -24.98 -11.68
CA GLU D 71 -37.74 -24.62 -13.00
C GLU D 71 -38.76 -24.99 -14.08
N GLN D 72 -39.30 -26.21 -14.01
CA GLN D 72 -40.29 -26.67 -14.99
C GLN D 72 -41.52 -25.80 -14.89
N TRP D 73 -41.94 -25.52 -13.66
CA TRP D 73 -43.15 -24.73 -13.40
C TRP D 73 -43.02 -23.31 -13.91
N PHE D 74 -41.88 -22.69 -13.66
CA PHE D 74 -41.62 -21.34 -14.20
C PHE D 74 -41.56 -21.37 -15.72
N ARG D 75 -40.99 -22.42 -16.31
CA ARG D 75 -40.90 -22.48 -17.77
C ARG D 75 -42.29 -22.45 -18.40
N VAL D 76 -43.20 -23.22 -17.83
CA VAL D 76 -44.54 -23.30 -18.36
C VAL D 76 -45.30 -22.01 -18.09
N SER D 77 -45.14 -21.47 -16.89
CA SER D 77 -45.86 -20.26 -16.51
C SER D 77 -45.44 -19.05 -17.33
N LEU D 78 -44.15 -18.98 -17.63
CA LEU D 78 -43.61 -17.98 -18.55
C LEU D 78 -44.41 -18.02 -19.85
N ARG D 79 -44.52 -19.20 -20.47
CA ARG D 79 -45.29 -19.35 -21.71
C ARG D 79 -46.77 -19.04 -21.53
N ASN D 80 -47.38 -19.53 -20.46
CA ASN D 80 -48.77 -19.22 -20.20
C ASN D 80 -48.98 -17.71 -20.23
N LEU D 81 -48.07 -16.99 -19.58
CA LEU D 81 -48.16 -15.53 -19.42
C LEU D 81 -47.98 -14.76 -20.74
N LEU D 82 -47.16 -15.32 -21.62
CA LEU D 82 -46.98 -14.78 -22.95
C LEU D 82 -48.33 -14.67 -23.64
N GLY D 83 -49.07 -15.76 -23.61
CA GLY D 83 -50.45 -15.78 -24.11
C GLY D 83 -51.41 -14.83 -23.40
N TYR D 84 -51.38 -14.81 -22.07
CA TYR D 84 -52.28 -13.94 -21.31
C TYR D 84 -52.11 -12.48 -21.67
N TYR D 85 -50.88 -12.08 -21.96
CA TYR D 85 -50.62 -10.69 -22.29
C TYR D 85 -50.48 -10.43 -23.76
N ASN D 86 -50.71 -11.46 -24.58
CA ASN D 86 -50.65 -11.31 -26.03
C ASN D 86 -49.31 -10.68 -26.46
N GLN D 87 -48.25 -11.11 -25.81
CA GLN D 87 -46.88 -10.79 -26.13
C GLN D 87 -46.46 -11.79 -27.22
N SER D 88 -45.77 -11.34 -28.25
CA SER D 88 -45.57 -12.24 -29.39
C SER D 88 -44.50 -13.30 -29.10
N ALA D 89 -43.49 -13.41 -29.97
CA ALA D 89 -42.40 -14.34 -29.76
C ALA D 89 -41.14 -13.54 -29.47
N GLY D 90 -40.35 -14.08 -28.56
CA GLY D 90 -39.18 -13.41 -28.06
C GLY D 90 -39.56 -12.35 -27.02
N GLY D 91 -38.73 -11.30 -26.99
CA GLY D 91 -38.75 -10.33 -25.92
C GLY D 91 -38.02 -10.97 -24.75
N SER D 92 -37.68 -10.15 -23.77
CA SER D 92 -37.10 -10.66 -22.55
C SER D 92 -38.18 -10.49 -21.46
N HIS D 93 -38.47 -11.56 -20.72
CA HIS D 93 -39.55 -11.59 -19.73
C HIS D 93 -39.08 -12.16 -18.42
N THR D 94 -39.71 -11.71 -17.34
CA THR D 94 -39.28 -12.17 -16.05
C THR D 94 -40.45 -12.51 -15.11
N LEU D 95 -40.22 -13.51 -14.29
CA LEU D 95 -41.26 -13.99 -13.38
C LEU D 95 -40.58 -14.11 -12.03
N GLN D 96 -41.13 -13.42 -11.03
CA GLN D 96 -40.56 -13.47 -9.69
C GLN D 96 -41.60 -14.00 -8.70
N GLN D 97 -41.15 -14.86 -7.80
CA GLN D 97 -41.92 -15.33 -6.68
C GLN D 97 -41.18 -15.00 -5.41
N MET D 98 -41.88 -14.48 -4.41
CA MET D 98 -41.35 -14.45 -3.07
C MET D 98 -42.21 -15.32 -2.20
N SER D 99 -41.60 -16.02 -1.26
CA SER D 99 -42.37 -16.75 -0.28
C SER D 99 -41.65 -16.98 1.02
N GLY D 100 -42.41 -17.24 2.07
CA GLY D 100 -41.84 -17.50 3.37
C GLY D 100 -42.70 -16.96 4.50
N CYS D 101 -42.12 -17.00 5.69
CA CYS D 101 -42.86 -16.74 6.90
C CYS D 101 -42.10 -15.83 7.81
N ASP D 102 -42.86 -15.02 8.54
CA ASP D 102 -42.37 -14.19 9.62
C ASP D 102 -42.84 -14.85 10.91
N LEU D 103 -41.93 -15.04 11.86
CA LEU D 103 -42.29 -15.37 13.25
C LEU D 103 -42.15 -14.12 14.09
N GLY D 104 -42.94 -14.05 15.18
CA GLY D 104 -42.75 -13.02 16.20
C GLY D 104 -41.61 -13.35 17.17
N SER D 105 -41.44 -12.50 18.17
CA SER D 105 -40.40 -12.71 19.20
C SER D 105 -40.69 -13.87 20.20
N ASP D 106 -41.87 -14.48 20.00
CA ASP D 106 -42.30 -15.76 20.59
C ASP D 106 -42.15 -17.01 19.65
N TRP D 107 -41.64 -16.79 18.45
CA TRP D 107 -41.36 -17.86 17.43
C TRP D 107 -42.56 -18.48 16.72
N ARG D 108 -43.70 -17.81 16.82
CA ARG D 108 -44.95 -18.25 16.23
C ARG D 108 -45.19 -17.43 14.98
N LEU D 109 -45.89 -18.01 14.03
CA LEU D 109 -46.19 -17.41 12.75
C LEU D 109 -46.96 -16.12 12.90
N LEU D 110 -46.38 -15.06 12.38
CA LEU D 110 -46.96 -13.74 12.36
C LEU D 110 -47.61 -13.48 11.02
N ARG D 111 -46.91 -13.84 9.95
CA ARG D 111 -47.42 -13.62 8.61
C ARG D 111 -46.80 -14.59 7.60
N GLY D 112 -47.60 -15.04 6.67
CA GLY D 112 -47.17 -15.90 5.57
C GLY D 112 -47.15 -15.07 4.29
N TYR D 113 -46.28 -15.44 3.37
CA TYR D 113 -46.18 -14.74 2.07
C TYR D 113 -46.09 -15.75 0.97
N LEU D 114 -46.88 -15.54 -0.08
CA LEU D 114 -46.74 -16.26 -1.32
C LEU D 114 -47.19 -15.31 -2.41
N GLN D 115 -46.26 -14.78 -3.20
CA GLN D 115 -46.65 -13.78 -4.16
C GLN D 115 -45.73 -13.72 -5.37
N PHE D 116 -46.26 -13.19 -6.48
CA PHE D 116 -45.58 -13.19 -7.76
C PHE D 116 -45.64 -11.83 -8.45
N ALA D 117 -44.57 -11.53 -9.19
CA ALA D 117 -44.48 -10.41 -10.10
C ALA D 117 -44.14 -10.86 -11.50
N TYR D 118 -44.84 -10.32 -12.49
CA TYR D 118 -44.49 -10.48 -13.89
C TYR D 118 -44.01 -9.16 -14.41
N GLU D 119 -42.87 -9.19 -15.11
CA GLU D 119 -42.24 -7.99 -15.64
C GLU D 119 -42.01 -6.92 -14.55
N GLY D 120 -41.73 -7.36 -13.33
CA GLY D 120 -41.44 -6.49 -12.22
C GLY D 120 -42.67 -5.88 -11.62
N ARG D 121 -43.86 -6.30 -12.04
CA ARG D 121 -45.11 -5.70 -11.58
C ARG D 121 -45.96 -6.75 -10.88
N ASP D 122 -46.56 -6.38 -9.77
CA ASP D 122 -47.46 -7.32 -9.00
C ASP D 122 -48.36 -8.06 -9.97
N TYR D 123 -48.46 -9.38 -9.75
CA TYR D 123 -49.36 -10.22 -10.48
C TYR D 123 -50.45 -10.86 -9.56
N ILE D 124 -50.02 -11.68 -8.61
CA ILE D 124 -50.95 -12.31 -7.70
C ILE D 124 -50.26 -12.57 -6.39
N ALA D 125 -50.98 -12.36 -5.31
CA ALA D 125 -50.46 -12.54 -3.98
C ALA D 125 -51.47 -13.33 -3.12
N LEU D 126 -50.98 -14.26 -2.32
CA LEU D 126 -51.82 -14.89 -1.32
C LEU D 126 -52.10 -13.83 -0.25
N ASN D 127 -53.38 -13.59 0.05
CA ASN D 127 -53.76 -12.71 1.14
C ASN D 127 -53.30 -13.22 2.48
N GLU D 128 -53.31 -12.34 3.48
CA GLU D 128 -52.86 -12.67 4.82
C GLU D 128 -53.66 -13.81 5.49
N ASP D 129 -54.95 -13.91 5.19
CA ASP D 129 -55.79 -15.01 5.66
C ASP D 129 -55.29 -16.38 5.17
N LEU D 130 -54.38 -16.37 4.21
CA LEU D 130 -53.76 -17.57 3.67
C LEU D 130 -54.79 -18.49 2.96
N LYS D 131 -55.90 -17.92 2.51
CA LYS D 131 -57.00 -18.64 1.89
C LYS D 131 -57.51 -18.03 0.58
N THR D 132 -57.35 -16.72 0.39
CA THR D 132 -57.85 -16.01 -0.79
C THR D 132 -56.72 -15.21 -1.47
N TRP D 133 -56.95 -14.83 -2.73
CA TRP D 133 -55.90 -14.26 -3.59
C TRP D 133 -56.23 -12.86 -4.01
N THR D 134 -55.23 -12.01 -4.10
CA THR D 134 -55.39 -10.70 -4.68
C THR D 134 -54.75 -10.70 -6.06
N ALA D 135 -55.52 -10.29 -7.06
CA ALA D 135 -55.10 -10.38 -8.43
C ALA D 135 -55.01 -8.98 -8.95
N ALA D 136 -53.84 -8.63 -9.49
CA ALA D 136 -53.54 -7.25 -9.87
C ALA D 136 -54.21 -6.84 -11.18
N ASP D 137 -54.51 -7.78 -12.03
CA ASP D 137 -55.10 -7.41 -13.32
C ASP D 137 -55.94 -8.53 -13.89
N MET D 138 -56.54 -8.31 -15.05
CA MET D 138 -57.46 -9.28 -15.65
C MET D 138 -56.76 -10.59 -15.99
N ALA D 139 -55.54 -10.50 -16.50
CA ALA D 139 -54.75 -11.69 -16.71
C ALA D 139 -54.63 -12.46 -15.41
N ALA D 140 -54.27 -11.77 -14.33
CA ALA D 140 -54.04 -12.45 -13.06
C ALA D 140 -55.33 -13.06 -12.51
N GLN D 141 -56.47 -12.47 -12.88
CA GLN D 141 -57.77 -13.05 -12.54
C GLN D 141 -57.89 -14.45 -13.11
N ILE D 142 -57.36 -14.66 -14.31
CA ILE D 142 -57.41 -16.02 -14.89
C ILE D 142 -56.69 -16.99 -13.97
N THR D 143 -55.51 -16.61 -13.52
CA THR D 143 -54.70 -17.46 -12.67
C THR D 143 -55.45 -17.74 -11.38
N ARG D 144 -55.95 -16.67 -10.76
CA ARG D 144 -56.73 -16.77 -9.57
C ARG D 144 -57.83 -17.81 -9.67
N ARG D 145 -58.72 -17.66 -10.67
CA ARG D 145 -59.80 -18.62 -10.90
C ARG D 145 -59.26 -20.03 -10.99
N LYS D 146 -58.16 -20.20 -11.69
CA LYS D 146 -57.52 -21.50 -11.83
C LYS D 146 -57.09 -22.10 -10.48
N TRP D 147 -56.50 -21.26 -9.64
CA TRP D 147 -55.95 -21.69 -8.37
C TRP D 147 -57.05 -21.84 -7.30
N GLU D 148 -58.11 -21.04 -7.39
CA GLU D 148 -59.32 -21.30 -6.60
C GLU D 148 -59.88 -22.72 -6.91
N GLN D 149 -59.97 -23.07 -8.20
CA GLN D 149 -60.43 -24.41 -8.64
C GLN D 149 -59.55 -25.55 -8.14
N SER D 150 -58.24 -25.38 -8.20
CA SER D 150 -57.33 -26.45 -7.79
C SER D 150 -57.03 -26.49 -6.28
N GLY D 151 -57.51 -25.47 -5.54
CA GLY D 151 -57.26 -25.35 -4.11
C GLY D 151 -55.81 -25.12 -3.78
N ALA D 152 -55.08 -24.45 -4.65
CA ALA D 152 -53.66 -24.23 -4.44
C ALA D 152 -53.36 -23.45 -3.13
N ALA D 153 -54.24 -22.55 -2.72
CA ALA D 153 -54.05 -21.82 -1.46
C ALA D 153 -53.93 -22.76 -0.28
N GLU D 154 -54.70 -23.85 -0.27
CA GLU D 154 -54.58 -24.84 0.79
C GLU D 154 -53.15 -25.37 0.88
N HIS D 155 -52.59 -25.79 -0.24
CA HIS D 155 -51.20 -26.32 -0.27
C HIS D 155 -50.22 -25.29 0.23
N TYR D 156 -50.37 -24.04 -0.18
CA TYR D 156 -49.50 -22.96 0.30
C TYR D 156 -49.58 -22.75 1.78
N LYS D 157 -50.81 -22.54 2.28
CA LYS D 157 -51.10 -22.42 3.69
C LYS D 157 -50.48 -23.53 4.54
N ALA D 158 -50.49 -24.77 4.02
CA ALA D 158 -49.93 -25.91 4.74
C ALA D 158 -48.41 -25.78 4.83
N TYR D 159 -47.77 -25.33 3.75
CA TYR D 159 -46.34 -25.03 3.83
C TYR D 159 -46.05 -23.87 4.80
N LEU D 160 -46.79 -22.78 4.65
CA LEU D 160 -46.51 -21.56 5.40
C LEU D 160 -46.70 -21.80 6.91
N GLU D 161 -47.77 -22.47 7.28
CA GLU D 161 -48.06 -22.76 8.69
C GLU D 161 -47.24 -23.91 9.23
N GLY D 162 -46.77 -24.81 8.36
CA GLY D 162 -46.07 -26.02 8.81
C GLY D 162 -44.60 -26.03 8.48
N GLU D 163 -44.25 -26.56 7.32
CA GLU D 163 -42.85 -26.73 6.91
C GLU D 163 -41.96 -25.48 7.10
N CYS D 164 -42.47 -24.33 6.68
CA CYS D 164 -41.74 -23.06 6.77
C CYS D 164 -41.35 -22.73 8.19
N VAL D 165 -42.32 -22.75 9.10
CA VAL D 165 -42.09 -22.49 10.52
C VAL D 165 -41.19 -23.55 11.14
N GLU D 166 -41.54 -24.80 10.93
CA GLU D 166 -40.83 -25.92 11.56
C GLU D 166 -39.33 -25.94 11.21
N TRP D 167 -38.98 -25.62 9.96
CA TRP D 167 -37.57 -25.61 9.53
C TRP D 167 -36.85 -24.29 9.86
N LEU D 168 -37.56 -23.18 9.82
CA LEU D 168 -36.98 -21.93 10.33
C LEU D 168 -36.55 -22.10 11.78
N HIS D 169 -37.38 -22.74 12.60
CA HIS D 169 -36.96 -23.09 13.96
C HIS D 169 -35.66 -23.88 13.95
N ARG D 170 -35.61 -24.94 13.15
CA ARG D 170 -34.41 -25.75 13.06
C ARG D 170 -33.19 -24.90 12.71
N TYR D 171 -33.33 -24.01 11.73
CA TYR D 171 -32.20 -23.18 11.29
C TYR D 171 -31.76 -22.18 12.37
N LEU D 172 -32.71 -21.63 13.11
CA LEU D 172 -32.39 -20.63 14.14
C LEU D 172 -31.53 -21.23 15.26
N LYS D 173 -31.84 -22.47 15.63
CA LYS D 173 -31.04 -23.23 16.60
C LYS D 173 -29.66 -23.61 16.04
N ASN D 174 -29.63 -24.12 14.81
CA ASN D 174 -28.42 -24.69 14.22
C ASN D 174 -27.33 -23.64 14.02
N GLY D 175 -27.75 -22.43 13.64
CA GLY D 175 -26.85 -21.30 13.46
C GLY D 175 -27.12 -20.28 14.53
N ASN D 176 -27.02 -20.72 15.78
CA ASN D 176 -27.50 -19.94 16.91
C ASN D 176 -26.77 -18.60 17.09
N ALA D 177 -25.43 -18.65 17.04
CA ALA D 177 -24.60 -17.50 17.37
C ALA D 177 -24.33 -16.53 16.20
N THR D 178 -25.17 -16.62 15.18
CA THR D 178 -25.07 -15.78 13.99
C THR D 178 -26.39 -15.02 13.76
N LEU D 179 -27.47 -15.78 13.72
CA LEU D 179 -28.81 -15.28 13.43
C LEU D 179 -29.46 -14.56 14.61
N LEU D 180 -29.23 -15.07 15.82
CA LEU D 180 -29.94 -14.61 17.02
C LEU D 180 -29.08 -13.60 17.77
N ARG D 181 -27.95 -13.29 17.14
CA ARG D 181 -27.00 -12.33 17.61
C ARG D 181 -27.17 -11.05 16.79
N THR D 182 -26.84 -9.92 17.39
CA THR D 182 -26.83 -8.66 16.67
C THR D 182 -25.40 -8.11 16.64
N ASP D 183 -25.13 -7.25 15.65
CA ASP D 183 -23.90 -6.49 15.55
C ASP D 183 -24.24 -5.03 15.50
N SER D 184 -23.77 -4.26 16.47
CA SER D 184 -24.18 -2.87 16.56
C SER D 184 -23.26 -2.04 15.71
N PRO D 185 -23.74 -0.90 15.24
CA PRO D 185 -22.96 -0.02 14.38
C PRO D 185 -21.79 0.57 15.12
N LYS D 186 -20.61 0.55 14.52
CA LYS D 186 -19.53 1.37 14.97
C LYS D 186 -19.79 2.71 14.29
N ALA D 187 -19.87 3.77 15.07
CA ALA D 187 -20.22 5.06 14.54
C ALA D 187 -19.09 6.08 14.68
N HIS D 188 -18.97 6.99 13.72
CA HIS D 188 -17.98 8.08 13.77
C HIS D 188 -18.24 9.12 12.68
N VAL D 189 -17.57 10.27 12.78
CA VAL D 189 -17.80 11.39 11.87
C VAL D 189 -16.52 11.88 11.15
N THR D 190 -16.55 11.89 9.81
CA THR D 190 -15.47 12.53 9.03
C THR D 190 -15.83 13.95 8.60
N HIS D 191 -14.78 14.72 8.25
CA HIS D 191 -14.89 16.16 7.99
C HIS D 191 -14.24 16.62 6.66
N HIS D 192 -15.09 17.26 5.82
CA HIS D 192 -14.72 17.56 4.45
C HIS D 192 -15.08 18.97 4.12
N PRO D 193 -14.09 19.85 4.28
CA PRO D 193 -14.23 21.24 3.81
C PRO D 193 -14.79 21.25 2.38
N ARG D 194 -15.44 22.40 2.04
CA ARG D 194 -16.24 22.47 0.82
C ARG D 194 -16.09 23.83 0.11
N SER D 195 -17.19 24.34 -0.45
CA SER D 195 -17.23 25.69 -1.03
C SER D 195 -16.81 26.73 0.01
N LYS D 196 -17.04 28.05 -0.30
CA LYS D 196 -16.60 29.15 0.57
C LYS D 196 -17.23 29.09 1.98
N GLY D 197 -16.37 28.99 3.00
CA GLY D 197 -16.79 28.94 4.41
C GLY D 197 -17.82 27.87 4.72
N GLU D 198 -17.71 26.73 4.04
CA GLU D 198 -18.62 25.61 4.21
C GLU D 198 -17.80 24.33 4.25
N VAL D 199 -18.12 23.44 5.27
CA VAL D 199 -17.60 22.07 5.33
C VAL D 199 -18.80 21.10 5.21
N THR D 200 -18.49 19.81 5.32
CA THR D 200 -19.52 18.76 5.22
C THR D 200 -19.18 17.78 6.34
N LEU D 201 -20.27 17.54 7.17
CA LEU D 201 -20.22 16.53 8.23
C LEU D 201 -20.84 15.19 7.79
N ARG D 202 -19.97 14.28 7.39
CA ARG D 202 -20.40 12.95 7.04
C ARG D 202 -20.30 12.12 8.30
N CYS D 203 -21.48 11.65 8.77
CA CYS D 203 -21.53 10.79 9.93
C CYS D 203 -21.67 9.37 9.31
N TRP D 204 -20.94 8.40 9.90
CA TRP D 204 -20.87 6.98 9.45
C TRP D 204 -21.45 5.94 10.42
N ALA D 205 -22.14 4.94 9.91
CA ALA D 205 -22.47 3.77 10.70
C ALA D 205 -21.83 2.65 9.90
N LEU D 206 -21.05 1.80 10.59
CA LEU D 206 -20.40 0.65 9.96
C LEU D 206 -20.64 -0.64 10.70
N GLY D 207 -20.60 -1.72 9.94
CA GLY D 207 -20.47 -3.05 10.51
C GLY D 207 -21.64 -3.55 11.33
N PHE D 208 -22.85 -3.08 11.03
CA PHE D 208 -24.02 -3.48 11.83
C PHE D 208 -24.78 -4.56 11.14
N TYR D 209 -25.58 -5.27 11.94
CA TYR D 209 -26.51 -6.25 11.47
C TYR D 209 -27.60 -6.37 12.54
N PRO D 210 -28.89 -6.44 12.19
CA PRO D 210 -29.41 -6.39 10.83
C PRO D 210 -29.30 -5.06 10.11
N ALA D 211 -29.91 -4.98 8.94
CA ALA D 211 -29.72 -3.85 8.04
C ALA D 211 -30.56 -2.63 8.38
N ASP D 212 -31.68 -2.82 9.08
CA ASP D 212 -32.53 -1.69 9.45
C ASP D 212 -31.68 -0.77 10.34
N ILE D 213 -31.65 0.51 9.99
CA ILE D 213 -30.95 1.52 10.77
C ILE D 213 -31.47 2.90 10.41
N THR D 214 -31.25 3.85 11.30
CA THR D 214 -31.70 5.20 11.05
C THR D 214 -30.64 6.15 11.51
N LEU D 215 -30.38 7.15 10.70
CA LEU D 215 -29.45 8.17 11.06
C LEU D 215 -30.16 9.51 10.93
N THR D 216 -29.91 10.39 11.87
CA THR D 216 -30.46 11.73 11.82
C THR D 216 -29.35 12.68 12.10
N TRP D 217 -29.52 13.92 11.65
CA TRP D 217 -28.62 15.01 12.03
C TRP D 217 -29.46 16.07 12.72
N GLN D 218 -28.94 16.60 13.81
CA GLN D 218 -29.69 17.54 14.63
C GLN D 218 -28.83 18.78 14.83
N LEU D 219 -29.50 19.91 14.99
CA LEU D 219 -28.82 21.18 15.25
C LEU D 219 -29.59 21.89 16.34
N ASN D 220 -28.95 22.17 17.47
CA ASN D 220 -29.61 22.80 18.60
C ASN D 220 -30.72 21.96 19.27
N GLY D 221 -31.18 20.92 18.56
CA GLY D 221 -32.29 20.09 19.01
C GLY D 221 -33.34 19.74 17.95
N GLU D 222 -33.36 20.48 16.83
CA GLU D 222 -34.36 20.28 15.78
C GLU D 222 -33.84 19.40 14.64
N GLU D 223 -34.36 18.16 14.57
CA GLU D 223 -33.96 17.20 13.52
C GLU D 223 -33.95 17.85 12.13
N LEU D 224 -32.86 17.64 11.41
CA LEU D 224 -32.68 18.16 10.06
C LEU D 224 -33.03 17.06 9.07
N THR D 225 -34.00 17.33 8.19
CA THR D 225 -34.43 16.36 7.19
C THR D 225 -34.05 16.81 5.77
N GLN D 226 -34.28 18.08 5.46
CA GLN D 226 -33.90 18.68 4.19
C GLN D 226 -32.50 19.30 4.28
N ASP D 227 -31.79 19.31 3.15
CA ASP D 227 -30.40 19.74 3.10
C ASP D 227 -29.46 18.54 3.31
N MET D 228 -30.04 17.41 3.70
CA MET D 228 -29.29 16.22 4.12
C MET D 228 -29.21 15.16 3.02
N GLU D 229 -28.06 14.51 2.94
CA GLU D 229 -27.79 13.49 1.95
C GLU D 229 -27.67 12.14 2.61
N LEU D 230 -28.43 11.19 2.09
CA LEU D 230 -28.48 9.83 2.59
C LEU D 230 -27.96 8.89 1.51
N VAL D 231 -27.31 7.81 1.90
CA VAL D 231 -27.06 6.72 0.97
C VAL D 231 -27.89 5.51 1.41
N GLU D 232 -28.16 4.66 0.45
CA GLU D 232 -28.92 3.44 0.70
C GLU D 232 -28.01 2.52 1.52
N THR D 233 -28.56 2.00 2.60
CA THR D 233 -27.95 0.91 3.34
C THR D 233 -27.41 -0.19 2.38
N ARG D 234 -26.14 -0.54 2.57
CA ARG D 234 -25.36 -1.29 1.65
C ARG D 234 -24.74 -2.46 2.42
N PRO D 235 -24.59 -3.60 1.77
CA PRO D 235 -23.78 -4.70 2.30
C PRO D 235 -22.29 -4.48 2.23
N ALA D 236 -21.61 -4.79 3.33
CA ALA D 236 -20.16 -4.77 3.34
C ALA D 236 -19.58 -6.03 2.70
N GLY D 237 -20.39 -7.10 2.61
CA GLY D 237 -19.98 -8.36 2.01
C GLY D 237 -19.70 -9.50 3.00
N ASP D 238 -19.56 -9.15 4.26
CA ASP D 238 -19.14 -10.05 5.31
C ASP D 238 -20.27 -10.33 6.31
N GLY D 239 -21.50 -10.03 5.91
CA GLY D 239 -22.66 -10.21 6.75
C GLY D 239 -23.15 -8.93 7.41
N THR D 240 -22.35 -7.86 7.33
CA THR D 240 -22.71 -6.54 7.88
C THR D 240 -23.10 -5.50 6.83
N PHE D 241 -23.52 -4.31 7.32
CA PHE D 241 -24.06 -3.25 6.50
C PHE D 241 -23.49 -1.87 6.86
N GLN D 242 -23.49 -0.98 5.88
CA GLN D 242 -22.98 0.37 6.03
C GLN D 242 -24.08 1.36 5.62
N LYS D 243 -24.03 2.55 6.21
CA LYS D 243 -24.85 3.67 5.78
C LYS D 243 -24.18 4.92 6.26
N TRP D 244 -24.39 6.01 5.55
CA TRP D 244 -23.93 7.30 6.03
C TRP D 244 -24.89 8.46 5.72
N ALA D 245 -24.71 9.57 6.45
CA ALA D 245 -25.63 10.70 6.43
C ALA D 245 -24.87 12.01 6.56
N SER D 246 -25.03 12.87 5.59
CA SER D 246 -24.23 14.06 5.61
C SER D 246 -25.13 15.27 5.62
N VAL D 247 -24.51 16.40 5.92
CA VAL D 247 -25.21 17.68 6.05
C VAL D 247 -24.28 18.84 5.72
N VAL D 248 -24.86 19.97 5.38
CA VAL D 248 -24.07 21.18 5.11
C VAL D 248 -23.95 22.02 6.37
N VAL D 249 -22.72 22.44 6.69
CA VAL D 249 -22.43 23.18 7.94
C VAL D 249 -21.38 24.27 7.71
N PRO D 250 -21.52 25.45 8.32
CA PRO D 250 -20.50 26.51 8.25
C PRO D 250 -19.31 26.31 9.19
N LEU D 251 -18.08 26.62 8.66
CA LEU D 251 -16.87 26.59 9.50
C LEU D 251 -17.10 27.36 10.83
N GLY D 252 -16.84 26.67 11.95
CA GLY D 252 -17.17 27.15 13.28
C GLY D 252 -18.26 26.32 13.98
N LYS D 253 -19.33 25.99 13.26
CA LYS D 253 -20.52 25.39 13.85
C LYS D 253 -20.53 23.86 13.86
N GLU D 254 -19.37 23.24 13.94
CA GLU D 254 -19.32 21.76 13.88
C GLU D 254 -19.88 21.09 15.12
N GLN D 255 -19.49 21.56 16.30
CA GLN D 255 -19.89 20.94 17.56
C GLN D 255 -21.51 20.66 17.68
N ASN D 256 -22.12 21.85 17.07
CA ASN D 256 -23.56 22.05 17.16
C ASN D 256 -24.28 20.86 16.72
N TYR D 257 -23.84 20.39 15.56
CA TYR D 257 -24.55 19.40 14.83
C TYR D 257 -24.11 18.02 15.32
N THR D 258 -25.18 17.30 15.79
CA THR D 258 -24.97 15.99 16.35
C THR D 258 -25.69 15.02 15.47
N CYS D 259 -25.06 13.89 15.19
CA CYS D 259 -25.70 12.80 14.46
C CYS D 259 -26.22 11.79 15.46
N ARG D 260 -27.34 11.12 15.13
CA ARG D 260 -27.83 10.06 15.96
C ARG D 260 -28.02 8.78 15.16
N VAL D 261 -27.61 7.67 15.78
CA VAL D 261 -27.76 6.37 15.17
C VAL D 261 -28.75 5.53 15.99
N TYR D 262 -29.79 5.03 15.29
CA TYR D 262 -30.80 4.17 15.89
C TYR D 262 -30.71 2.73 15.32
N HIS D 263 -30.30 1.76 16.12
CA HIS D 263 -30.19 0.37 15.64
C HIS D 263 -30.49 -0.62 16.75
N GLU D 264 -31.05 -1.81 16.40
CA GLU D 264 -31.49 -2.82 17.37
C GLU D 264 -30.41 -3.26 18.33
N GLY D 265 -29.18 -3.26 17.82
CA GLY D 265 -28.01 -3.77 18.53
C GLY D 265 -27.44 -2.78 19.53
N LEU D 266 -27.93 -1.54 19.46
CA LEU D 266 -27.65 -0.52 20.47
C LEU D 266 -28.46 -0.72 21.75
N PRO D 267 -27.81 -0.63 22.91
CA PRO D 267 -28.51 -0.49 24.20
C PRO D 267 -29.42 0.75 24.25
N GLU D 268 -29.11 1.72 23.40
CA GLU D 268 -29.88 2.96 23.23
C GLU D 268 -29.35 3.77 22.04
N PRO D 269 -30.14 4.71 21.53
CA PRO D 269 -29.67 5.57 20.43
C PRO D 269 -28.35 6.23 20.73
N LEU D 270 -27.62 6.56 19.66
CA LEU D 270 -26.23 6.98 19.74
C LEU D 270 -26.11 8.42 19.32
N THR D 271 -25.30 9.19 20.04
CA THR D 271 -25.06 10.59 19.72
C THR D 271 -23.57 10.82 19.52
N LEU D 272 -23.22 11.69 18.59
CA LEU D 272 -21.81 11.96 18.29
C LEU D 272 -21.63 13.12 17.34
N ARG D 273 -20.41 13.66 17.32
CA ARG D 273 -20.04 14.74 16.40
C ARG D 273 -18.58 14.61 15.97
N TRP D 274 -18.14 15.59 15.17
CA TRP D 274 -16.76 15.67 14.72
C TRP D 274 -15.81 15.71 15.92
N GLU D 275 -14.68 15.03 15.80
CA GLU D 275 -13.66 14.97 16.85
C GLU D 275 -12.29 15.32 16.26
N PRO D 276 -11.83 16.56 16.44
CA PRO D 276 -10.54 17.00 15.86
C PRO D 276 -9.34 16.20 16.38
N ILE E 1 -41.27 -3.42 -17.91
CA ILE E 1 -40.81 -1.99 -17.77
C ILE E 1 -39.35 -1.97 -17.33
N GLN E 2 -38.51 -1.36 -18.17
CA GLN E 2 -37.09 -1.26 -17.92
C GLN E 2 -36.79 -0.27 -16.83
N LYS E 3 -35.88 -0.62 -15.94
CA LYS E 3 -35.44 0.25 -14.86
C LYS E 3 -33.92 0.26 -14.83
N THR E 4 -33.37 1.42 -14.55
CA THR E 4 -31.93 1.63 -14.56
C THR E 4 -31.30 1.15 -13.28
N PRO E 5 -30.09 0.61 -13.37
CA PRO E 5 -29.30 0.32 -12.17
C PRO E 5 -28.75 1.55 -11.53
N GLN E 6 -28.86 1.61 -10.21
CA GLN E 6 -28.11 2.49 -9.38
C GLN E 6 -26.94 1.69 -8.85
N ILE E 7 -25.80 2.38 -8.70
CA ILE E 7 -24.54 1.78 -8.33
C ILE E 7 -23.92 2.55 -7.16
N GLN E 8 -23.41 1.83 -6.18
CA GLN E 8 -22.49 2.35 -5.17
C GLN E 8 -21.19 1.54 -5.18
N VAL E 9 -20.05 2.23 -5.17
CA VAL E 9 -18.72 1.62 -5.06
C VAL E 9 -18.13 2.09 -3.73
N TYR E 10 -17.51 1.17 -3.00
CA TYR E 10 -17.11 1.42 -1.60
C TYR E 10 -16.42 0.17 -1.05
N SER E 11 -15.68 0.34 0.04
CA SER E 11 -14.84 -0.70 0.60
C SER E 11 -15.46 -1.41 1.81
N ARG E 12 -15.15 -2.69 1.93
CA ARG E 12 -15.66 -3.49 3.05
C ARG E 12 -15.20 -2.88 4.37
N HIS E 13 -13.92 -2.51 4.40
CA HIS E 13 -13.29 -2.01 5.61
C HIS E 13 -12.82 -0.59 5.38
N PRO E 14 -12.74 0.16 6.47
CA PRO E 14 -12.10 1.47 6.44
C PRO E 14 -10.73 1.41 5.71
N PRO E 15 -10.58 2.21 4.66
CA PRO E 15 -9.42 2.10 3.76
C PRO E 15 -8.14 2.69 4.32
N GLU E 16 -7.08 1.89 4.36
CA GLU E 16 -5.71 2.35 4.57
C GLU E 16 -4.90 1.92 3.36
N ASN E 17 -3.99 2.78 2.91
CA ASN E 17 -3.09 2.43 1.82
C ASN E 17 -2.15 1.28 2.14
N GLY E 18 -1.95 0.42 1.15
CA GLY E 18 -1.11 -0.75 1.31
C GLY E 18 -1.66 -1.82 2.22
N LYS E 19 -2.98 -1.83 2.45
CA LYS E 19 -3.55 -2.79 3.38
C LYS E 19 -4.75 -3.52 2.78
N PRO E 20 -4.59 -4.83 2.56
CA PRO E 20 -5.65 -5.69 2.04
C PRO E 20 -7.07 -5.36 2.54
N ASN E 21 -7.95 -5.25 1.55
CA ASN E 21 -9.34 -4.85 1.71
C ASN E 21 -10.18 -5.54 0.62
N ILE E 22 -11.47 -5.28 0.63
CA ILE E 22 -12.35 -5.75 -0.40
C ILE E 22 -13.06 -4.55 -0.99
N LEU E 23 -13.25 -4.58 -2.28
CA LEU E 23 -13.94 -3.49 -2.94
C LEU E 23 -15.28 -3.98 -3.40
N ASN E 24 -16.31 -3.22 -3.08
CA ASN E 24 -17.68 -3.52 -3.42
C ASN E 24 -18.29 -2.63 -4.45
N CYS E 25 -19.05 -3.24 -5.36
CA CYS E 25 -19.94 -2.54 -6.27
C CYS E 25 -21.33 -3.14 -6.08
N TYR E 26 -22.19 -2.40 -5.39
CA TYR E 26 -23.57 -2.76 -5.14
C TYR E 26 -24.52 -2.06 -6.12
N VAL E 27 -25.16 -2.85 -6.96
CA VAL E 27 -26.05 -2.39 -8.02
C VAL E 27 -27.50 -2.80 -7.73
N THR E 28 -28.42 -1.85 -7.78
CA THR E 28 -29.79 -2.09 -7.37
C THR E 28 -30.77 -1.48 -8.35
N GLN E 29 -32.02 -1.87 -8.16
CA GLN E 29 -33.18 -1.25 -8.79
C GLN E 29 -33.22 -1.38 -10.32
N PHE E 30 -32.63 -2.44 -10.86
CA PHE E 30 -32.63 -2.64 -12.30
C PHE E 30 -33.65 -3.71 -12.69
N HIS E 31 -34.16 -3.60 -13.91
CA HIS E 31 -35.01 -4.63 -14.50
C HIS E 31 -34.91 -4.57 -16.03
N PRO E 32 -34.79 -5.70 -16.74
CA PRO E 32 -34.84 -7.05 -16.18
C PRO E 32 -33.51 -7.44 -15.52
N PRO E 33 -33.46 -8.59 -14.87
CA PRO E 33 -32.29 -8.95 -14.06
C PRO E 33 -30.97 -9.16 -14.85
N HIS E 34 -31.04 -9.52 -16.13
CA HIS E 34 -29.85 -9.63 -17.01
C HIS E 34 -28.91 -8.39 -16.95
N ILE E 35 -27.67 -8.60 -16.53
CA ILE E 35 -26.75 -7.49 -16.28
C ILE E 35 -25.29 -7.93 -16.30
N GLU E 36 -24.42 -6.97 -16.63
CA GLU E 36 -22.97 -7.13 -16.63
C GLU E 36 -22.26 -6.09 -15.76
N ILE E 37 -21.29 -6.56 -14.98
CA ILE E 37 -20.61 -5.73 -13.98
C ILE E 37 -19.11 -6.02 -14.04
N GLN E 38 -18.34 -5.00 -14.37
CA GLN E 38 -16.90 -5.13 -14.38
C GLN E 38 -16.38 -4.29 -13.23
N MET E 39 -15.35 -4.76 -12.54
CA MET E 39 -14.63 -3.90 -11.63
C MET E 39 -13.25 -3.55 -12.20
N LEU E 40 -12.80 -2.33 -11.96
CA LEU E 40 -11.63 -1.80 -12.69
C LEU E 40 -10.60 -1.07 -11.81
N LYS E 41 -9.35 -1.25 -12.18
CA LYS E 41 -8.24 -0.48 -11.62
C LYS E 41 -7.43 0.01 -12.76
N ASN E 42 -7.26 1.33 -12.82
CA ASN E 42 -6.61 2.01 -13.91
C ASN E 42 -7.09 1.55 -15.27
N GLY E 43 -8.40 1.34 -15.34
CA GLY E 43 -9.09 0.99 -16.57
C GLY E 43 -9.00 -0.47 -16.98
N LYS E 44 -8.31 -1.31 -16.21
CA LYS E 44 -8.19 -2.73 -16.51
C LYS E 44 -9.07 -3.54 -15.57
N LYS E 45 -9.73 -4.57 -16.11
CA LYS E 45 -10.49 -5.53 -15.31
C LYS E 45 -9.65 -6.02 -14.14
N ILE E 46 -10.19 -5.97 -12.94
CA ILE E 46 -9.54 -6.58 -11.80
C ILE E 46 -9.90 -8.07 -11.87
N PRO E 47 -8.90 -8.94 -11.66
CA PRO E 47 -9.04 -10.40 -11.90
C PRO E 47 -10.24 -11.13 -11.26
N LYS E 48 -10.24 -11.28 -9.95
CA LYS E 48 -11.09 -12.26 -9.29
C LYS E 48 -12.39 -11.63 -8.80
N VAL E 49 -13.21 -11.17 -9.73
CA VAL E 49 -14.44 -10.48 -9.35
C VAL E 49 -15.53 -11.50 -8.99
N GLU E 50 -15.74 -11.69 -7.70
CA GLU E 50 -16.84 -12.54 -7.25
C GLU E 50 -18.14 -11.79 -7.39
N MET E 51 -19.15 -12.50 -7.85
CA MET E 51 -20.49 -11.98 -8.03
C MET E 51 -21.41 -12.69 -7.06
N SER E 52 -22.35 -11.96 -6.48
CA SER E 52 -23.34 -12.56 -5.61
C SER E 52 -24.51 -13.09 -6.46
N ASP E 53 -25.37 -13.85 -5.82
CA ASP E 53 -26.54 -14.39 -6.48
C ASP E 53 -27.57 -13.33 -6.84
N MET E 54 -28.15 -13.45 -8.04
CA MET E 54 -29.23 -12.54 -8.43
C MET E 54 -30.39 -12.62 -7.43
N SER E 55 -30.47 -11.63 -6.55
CA SER E 55 -31.57 -11.53 -5.59
C SER E 55 -32.44 -10.29 -5.83
N PHE E 56 -33.48 -10.14 -5.03
CA PHE E 56 -34.35 -8.98 -5.15
C PHE E 56 -35.09 -8.70 -3.87
N SER E 57 -35.55 -7.46 -3.75
CA SER E 57 -36.15 -6.98 -2.51
C SER E 57 -37.63 -7.26 -2.54
N LYS E 58 -38.29 -7.01 -1.42
CA LYS E 58 -39.68 -7.41 -1.29
C LYS E 58 -40.55 -6.53 -2.22
N ASP E 59 -40.00 -5.40 -2.67
CA ASP E 59 -40.67 -4.55 -3.66
C ASP E 59 -40.37 -4.95 -5.13
N TRP E 60 -39.78 -6.14 -5.32
CA TRP E 60 -39.49 -6.71 -6.65
C TRP E 60 -38.23 -6.17 -7.33
N SER E 61 -37.56 -5.18 -6.75
CA SER E 61 -36.34 -4.63 -7.35
C SER E 61 -35.15 -5.57 -7.18
N PHE E 62 -34.40 -5.76 -8.24
CA PHE E 62 -33.26 -6.66 -8.14
C PHE E 62 -32.10 -5.99 -7.48
N TYR E 63 -31.24 -6.78 -6.86
CA TYR E 63 -29.96 -6.27 -6.41
C TYR E 63 -28.86 -7.31 -6.59
N ILE E 64 -27.65 -6.83 -6.66
CA ILE E 64 -26.52 -7.71 -6.72
C ILE E 64 -25.29 -7.01 -6.16
N LEU E 65 -24.42 -7.81 -5.56
CA LEU E 65 -23.19 -7.31 -4.98
C LEU E 65 -22.05 -8.02 -5.66
N ALA E 66 -21.27 -7.26 -6.40
CA ALA E 66 -19.98 -7.66 -6.92
C ALA E 66 -18.87 -7.16 -5.97
N HIS E 67 -17.92 -8.05 -5.69
CA HIS E 67 -16.73 -7.69 -4.93
C HIS E 67 -15.44 -8.36 -5.42
N THR E 68 -14.32 -7.78 -5.02
CA THR E 68 -13.03 -8.35 -5.32
C THR E 68 -12.01 -7.95 -4.24
N GLU E 69 -11.01 -8.81 -4.06
CA GLU E 69 -9.87 -8.49 -3.22
C GLU E 69 -9.06 -7.35 -3.84
N PHE E 70 -8.60 -6.43 -2.99
CA PHE E 70 -7.72 -5.34 -3.47
C PHE E 70 -6.94 -4.65 -2.36
N THR E 71 -5.86 -3.99 -2.75
CA THR E 71 -5.10 -3.18 -1.81
C THR E 71 -5.19 -1.72 -2.21
N PRO E 72 -6.01 -0.95 -1.49
CA PRO E 72 -6.18 0.46 -1.84
C PRO E 72 -4.84 1.20 -1.91
N THR E 73 -4.73 2.05 -2.90
CA THR E 73 -3.63 3.00 -3.03
C THR E 73 -4.21 4.38 -3.26
N GLU E 74 -3.36 5.40 -3.05
CA GLU E 74 -3.69 6.80 -3.33
C GLU E 74 -3.48 7.09 -4.80
N THR E 75 -2.80 6.18 -5.50
CA THR E 75 -2.15 6.52 -6.77
C THR E 75 -2.87 5.93 -7.98
N ASP E 76 -3.89 5.12 -7.72
CA ASP E 76 -4.67 4.43 -8.76
C ASP E 76 -6.15 4.79 -8.71
N THR E 77 -6.84 4.72 -9.84
CA THR E 77 -8.25 4.94 -9.84
C THR E 77 -8.84 3.54 -9.69
N TYR E 78 -10.06 3.52 -9.17
CA TYR E 78 -10.80 2.29 -8.91
C TYR E 78 -12.23 2.55 -9.32
N ALA E 79 -12.82 1.63 -10.08
CA ALA E 79 -14.10 1.89 -10.72
C ALA E 79 -14.97 0.64 -10.90
N CYS E 80 -16.25 0.87 -11.13
CA CYS E 80 -17.18 -0.19 -11.38
C CYS E 80 -17.97 0.18 -12.61
N ARG E 81 -18.12 -0.77 -13.50
CA ARG E 81 -18.76 -0.46 -14.76
C ARG E 81 -19.83 -1.46 -15.12
N VAL E 82 -21.00 -0.92 -15.43
CA VAL E 82 -22.20 -1.72 -15.52
C VAL E 82 -22.81 -1.57 -16.88
N LYS E 83 -23.12 -2.68 -17.51
CA LYS E 83 -23.85 -2.68 -18.76
C LYS E 83 -25.22 -3.34 -18.54
N HIS E 84 -26.25 -2.70 -19.07
CA HIS E 84 -27.63 -3.09 -18.85
C HIS E 84 -28.51 -2.53 -19.97
N ASP E 85 -29.51 -3.28 -20.39
CA ASP E 85 -30.31 -2.92 -21.55
C ASP E 85 -31.18 -1.68 -21.40
N SER E 86 -31.36 -1.22 -20.15
CA SER E 86 -32.01 0.06 -19.88
C SER E 86 -31.19 1.24 -20.41
N MET E 87 -29.87 1.12 -20.39
CA MET E 87 -28.99 2.15 -20.88
C MET E 87 -28.40 1.80 -22.23
N ALA E 88 -28.38 2.79 -23.12
CA ALA E 88 -27.83 2.64 -24.46
C ALA E 88 -26.33 2.34 -24.41
N GLU E 89 -25.69 2.65 -23.30
CA GLU E 89 -24.27 2.36 -23.11
C GLU E 89 -23.88 2.24 -21.63
N PRO E 90 -22.67 1.72 -21.36
CA PRO E 90 -22.29 1.37 -20.00
C PRO E 90 -22.26 2.57 -19.07
N LYS E 91 -22.41 2.34 -17.77
CA LYS E 91 -22.21 3.40 -16.80
C LYS E 91 -21.13 3.02 -15.81
N THR E 92 -20.29 3.99 -15.45
CA THR E 92 -19.15 3.74 -14.58
C THR E 92 -19.22 4.64 -13.37
N VAL E 93 -18.90 4.06 -12.20
CA VAL E 93 -18.78 4.84 -10.99
C VAL E 93 -17.41 4.63 -10.38
N TYR E 94 -16.71 5.75 -10.09
CA TYR E 94 -15.39 5.68 -9.47
C TYR E 94 -15.50 5.57 -7.96
N TRP E 95 -14.62 4.77 -7.36
CA TRP E 95 -14.47 4.72 -5.93
C TRP E 95 -13.97 6.04 -5.40
N ASP E 96 -14.60 6.41 -4.30
CA ASP E 96 -14.19 7.54 -3.53
C ASP E 96 -14.17 7.01 -2.11
N ARG E 97 -12.98 6.97 -1.50
CA ARG E 97 -12.85 6.44 -0.14
C ARG E 97 -13.69 7.17 0.86
N ASP E 98 -13.93 8.45 0.64
CA ASP E 98 -14.78 9.25 1.53
C ASP E 98 -16.25 8.89 1.43
N MET E 99 -16.62 7.95 0.58
CA MET E 99 -18.03 7.64 0.36
C MET E 99 -18.37 6.15 0.27
N LYS F 1 -36.42 -24.59 4.40
CA LYS F 1 -36.90 -25.46 3.30
C LYS F 1 -37.87 -24.70 2.40
N ALA F 2 -37.84 -25.01 1.13
CA ALA F 2 -38.50 -24.21 0.11
C ALA F 2 -39.91 -24.68 -0.15
N VAL F 3 -40.76 -23.74 -0.51
CA VAL F 3 -42.05 -24.04 -1.06
C VAL F 3 -41.92 -24.69 -2.44
N TYR F 4 -42.98 -25.34 -2.92
CA TYR F 4 -43.05 -25.71 -4.33
C TYR F 4 -44.45 -25.51 -4.88
N ASN F 5 -44.50 -25.12 -6.17
CA ASN F 5 -45.73 -24.73 -6.78
C ASN F 5 -46.36 -25.96 -7.35
N LEU F 6 -47.68 -25.92 -7.47
CA LEU F 6 -48.43 -27.01 -8.11
C LEU F 6 -49.12 -26.53 -9.40
N ALA F 7 -50.31 -25.94 -9.32
CA ALA F 7 -50.98 -25.45 -10.53
C ALA F 7 -50.19 -24.33 -11.14
N THR F 8 -50.01 -24.35 -12.45
CA THR F 8 -49.30 -23.30 -13.13
C THR F 8 -50.17 -22.07 -13.21
N MET F 9 -49.56 -20.96 -13.62
CA MET F 9 -50.20 -19.68 -13.85
C MET F 9 -51.37 -19.81 -14.82
#